data_5GZX
#
_entry.id   5GZX
#
_cell.length_a   72.300
_cell.length_b   95.687
_cell.length_c   108.813
_cell.angle_alpha   90.00
_cell.angle_beta   108.03
_cell.angle_gamma   90.00
#
_symmetry.space_group_name_H-M   'P 1 21 1'
#
loop_
_entity.id
_entity.type
_entity.pdbx_description
1 polymer '(R)-2-haloacid dehalogenase'
2 non-polymer '(R)-2-Chloropropionic acid'
3 water water
#
_entity_poly.entity_id   1
_entity_poly.type   'polypeptide(L)'
_entity_poly.pdbx_seq_one_letter_code
;MNLPDNSIHLQLPRPVCEAIIRPVPEHRADQELSEIYRDLKATFGVPWVGVITQAVAYYRPFFAEAWRRFAPSAKTHFFE
RASDDIRIRSWELMGQSFVIEGQTDRLREMGYSVREIGQIRAVLDIFDYGNPKYLIFATAIKEGLLSGRTFGGAAGDARC
HFPRSPICQIDPIPVMVEEHHAGGTLSQVYADIKQTLQLPFINSNYKAMARWPSYLEQAWGALKPCIDTPAYQAGRFDIN
ARALAALDALPTAYRMSRDDALQAGLSEAQTDELIQVISLFQWMLSGLVLNVTHFKQQALKLEHHHHHH
;
_entity_poly.pdbx_strand_id   A,B,C,D
#
# COMPACT_ATOMS: atom_id res chain seq x y z
N HIS A 9 -2.15 47.73 -4.39
CA HIS A 9 -3.47 47.97 -4.95
C HIS A 9 -3.80 46.92 -6.02
N LEU A 10 -2.76 46.32 -6.60
CA LEU A 10 -2.89 45.44 -7.76
C LEU A 10 -3.84 44.26 -7.58
N GLN A 11 -4.31 43.70 -8.70
CA GLN A 11 -5.12 42.48 -8.65
C GLN A 11 -5.32 41.79 -10.01
N LEU A 12 -5.65 40.50 -9.90
CA LEU A 12 -5.86 39.61 -11.04
C LEU A 12 -7.33 39.53 -11.47
N PRO A 13 -7.65 40.03 -12.68
CA PRO A 13 -9.03 40.04 -13.18
C PRO A 13 -9.61 38.63 -13.39
N ARG A 14 -10.82 38.37 -12.86
CA ARG A 14 -11.50 37.13 -13.20
C ARG A 14 -11.87 37.20 -14.68
N PRO A 15 -11.52 36.14 -15.44
CA PRO A 15 -11.81 36.11 -16.87
C PRO A 15 -13.30 35.99 -17.15
N VAL A 16 -13.71 36.18 -18.40
CA VAL A 16 -15.13 36.08 -18.77
C VAL A 16 -15.48 34.70 -19.32
N CYS A 17 -15.78 33.77 -18.43
CA CYS A 17 -16.05 32.39 -18.82
C CYS A 17 -17.54 32.05 -18.73
N GLU A 18 -18.12 31.69 -19.88
CA GLU A 18 -19.49 31.21 -19.96
C GLU A 18 -19.49 29.78 -20.50
N ALA A 19 -18.31 29.32 -20.88
CA ALA A 19 -18.11 27.97 -21.42
C ALA A 19 -18.39 26.87 -20.40
N ILE A 20 -18.67 25.67 -20.91
CA ILE A 20 -19.03 24.53 -20.08
C ILE A 20 -17.80 23.70 -19.69
N ILE A 21 -17.62 23.47 -18.40
CA ILE A 21 -16.46 22.72 -17.90
C ILE A 21 -16.81 21.26 -17.65
N ARG A 22 -16.11 20.36 -18.32
CA ARG A 22 -16.42 18.94 -18.27
C ARG A 22 -15.22 18.11 -17.80
N PRO A 23 -14.86 18.22 -16.52
CA PRO A 23 -13.77 17.38 -15.99
C PRO A 23 -14.01 15.89 -16.20
N VAL A 24 -13.00 15.15 -16.67
CA VAL A 24 -13.03 13.68 -16.61
C VAL A 24 -12.23 13.19 -15.38
N PRO A 25 -12.95 12.84 -14.30
CA PRO A 25 -12.36 12.31 -13.06
C PRO A 25 -11.58 11.01 -13.31
N GLU A 26 -10.66 10.70 -12.41
CA GLU A 26 -9.80 9.52 -12.52
C GLU A 26 -10.60 8.22 -12.45
N HIS A 27 -11.74 8.24 -11.77
CA HIS A 27 -12.56 7.04 -11.64
C HIS A 27 -13.48 6.82 -12.84
N ARG A 28 -13.36 7.66 -13.87
CA ARG A 28 -14.10 7.47 -15.11
C ARG A 28 -13.19 7.44 -16.33
N ALA A 29 -11.91 7.72 -16.14
CA ALA A 29 -10.99 7.70 -17.26
C ALA A 29 -10.95 6.30 -17.92
N ASP A 30 -10.95 6.27 -19.25
CA ASP A 30 -10.77 5.01 -19.98
C ASP A 30 -9.28 4.68 -19.94
N GLN A 31 -8.85 3.62 -20.60
CA GLN A 31 -7.48 3.17 -20.40
C GLN A 31 -6.47 4.04 -21.14
N GLU A 32 -6.87 4.61 -22.28
CA GLU A 32 -5.97 5.49 -23.01
C GLU A 32 -5.62 6.75 -22.20
N LEU A 33 -6.64 7.40 -21.66
CA LEU A 33 -6.51 8.63 -20.91
C LEU A 33 -5.82 8.37 -19.55
N SER A 34 -6.20 7.27 -18.90
CA SER A 34 -5.60 6.88 -17.63
C SER A 34 -4.10 6.74 -17.74
N GLU A 35 -3.62 6.40 -18.94
CA GLU A 35 -2.19 6.28 -19.17
C GLU A 35 -1.58 7.66 -19.06
N ILE A 36 -2.22 8.61 -19.74
CA ILE A 36 -1.77 9.99 -19.68
C ILE A 36 -1.81 10.48 -18.23
N TYR A 37 -2.92 10.19 -17.53
CA TYR A 37 -3.08 10.57 -16.13
C TYR A 37 -1.97 10.01 -15.26
N ARG A 38 -1.57 8.77 -15.52
CA ARG A 38 -0.52 8.14 -14.73
C ARG A 38 0.85 8.77 -15.03
N ASP A 39 1.09 9.12 -16.31
CA ASP A 39 2.34 9.75 -16.70
C ASP A 39 2.47 11.13 -16.07
N LEU A 40 1.36 11.86 -16.08
CA LEU A 40 1.27 13.15 -15.42
C LEU A 40 1.57 13.03 -13.92
N LYS A 41 0.94 12.08 -13.25
CA LYS A 41 1.12 11.94 -11.81
C LYS A 41 2.55 11.57 -11.46
N ALA A 42 3.07 10.58 -12.18
CA ALA A 42 4.44 10.11 -12.00
C ALA A 42 5.45 11.23 -12.24
N THR A 43 5.21 12.03 -13.28
CA THR A 43 6.08 13.18 -13.58
C THR A 43 6.06 14.22 -12.47
N PHE A 44 4.85 14.66 -12.10
CA PHE A 44 4.70 15.65 -11.04
C PHE A 44 5.11 15.07 -9.69
N GLY A 45 4.85 13.78 -9.47
CA GLY A 45 5.14 13.16 -8.19
C GLY A 45 4.02 13.38 -7.20
N VAL A 46 2.80 13.43 -7.71
CA VAL A 46 1.62 13.68 -6.90
C VAL A 46 0.60 12.54 -7.07
N PRO A 47 -0.25 12.33 -6.05
CA PRO A 47 -1.14 11.16 -6.07
C PRO A 47 -2.51 11.40 -6.73
N TRP A 48 -2.70 12.56 -7.34
CA TRP A 48 -4.02 12.98 -7.81
C TRP A 48 -3.92 13.78 -9.08
N VAL A 49 -4.92 13.64 -9.96
CA VAL A 49 -5.00 14.45 -11.17
C VAL A 49 -5.81 15.72 -10.89
N GLY A 50 -5.25 16.87 -11.25
CA GLY A 50 -5.88 18.15 -10.95
C GLY A 50 -7.14 18.38 -11.76
N VAL A 51 -8.09 19.12 -11.19
CA VAL A 51 -9.33 19.42 -11.89
C VAL A 51 -9.00 20.18 -13.17
N ILE A 52 -7.91 20.95 -13.15
CA ILE A 52 -7.44 21.65 -14.32
C ILE A 52 -7.18 20.65 -15.43
N THR A 53 -6.41 19.62 -15.11
CA THR A 53 -6.02 18.65 -16.10
C THR A 53 -7.22 17.79 -16.52
N GLN A 54 -8.16 17.56 -15.60
CA GLN A 54 -9.36 16.78 -15.90
C GLN A 54 -10.24 17.49 -16.91
N ALA A 55 -10.31 18.82 -16.80
CA ALA A 55 -11.16 19.60 -17.69
C ALA A 55 -10.48 19.77 -19.03
N VAL A 56 -9.16 20.00 -19.02
CA VAL A 56 -8.44 20.08 -20.28
C VAL A 56 -8.43 18.72 -21.00
N ALA A 57 -8.53 17.62 -20.26
CA ALA A 57 -8.56 16.25 -20.83
C ALA A 57 -9.77 16.01 -21.72
N TYR A 58 -10.86 16.72 -21.45
CA TYR A 58 -12.01 16.69 -22.34
C TYR A 58 -11.58 17.02 -23.78
N TYR A 59 -10.74 18.05 -23.94
CA TYR A 59 -10.18 18.40 -25.24
C TYR A 59 -8.95 17.54 -25.51
N ARG A 60 -9.16 16.22 -25.58
CA ARG A 60 -8.09 15.24 -25.42
C ARG A 60 -6.94 15.28 -26.44
N PRO A 61 -7.25 15.44 -27.74
CA PRO A 61 -6.10 15.54 -28.65
C PRO A 61 -5.18 16.71 -28.28
N PHE A 62 -5.75 17.81 -27.80
CA PHE A 62 -4.95 18.92 -27.36
C PHE A 62 -4.23 18.58 -26.05
N PHE A 63 -4.94 17.95 -25.12
CA PHE A 63 -4.39 17.63 -23.80
C PHE A 63 -3.15 16.77 -23.95
N ALA A 64 -3.23 15.76 -24.81
CA ALA A 64 -2.13 14.80 -24.97
C ALA A 64 -0.91 15.48 -25.59
N GLU A 65 -1.13 16.44 -26.48
CA GLU A 65 -0.02 17.06 -27.19
C GLU A 65 0.63 18.10 -26.32
N ALA A 66 -0.21 18.90 -25.65
CA ALA A 66 0.28 19.96 -24.77
C ALA A 66 1.14 19.35 -23.69
N TRP A 67 0.74 18.18 -23.19
CA TRP A 67 1.48 17.49 -22.14
C TRP A 67 2.81 16.94 -22.64
N ARG A 68 2.81 16.37 -23.83
CA ARG A 68 4.04 15.90 -24.47
C ARG A 68 5.08 17.04 -24.59
N ARG A 69 4.61 18.26 -24.84
CA ARG A 69 5.52 19.39 -25.00
C ARG A 69 5.94 19.98 -23.66
N PHE A 70 5.13 19.75 -22.63
CA PHE A 70 5.40 20.37 -21.35
C PHE A 70 6.18 19.47 -20.41
N ALA A 71 6.01 18.16 -20.59
CA ALA A 71 6.56 17.15 -19.68
C ALA A 71 8.08 17.17 -19.55
N PRO A 72 8.82 17.32 -20.69
CA PRO A 72 10.28 17.53 -20.58
C PRO A 72 10.70 18.58 -19.55
N SER A 73 9.96 19.68 -19.47
CA SER A 73 10.28 20.72 -18.50
C SER A 73 9.89 20.26 -17.10
N ALA A 74 8.73 19.64 -16.98
CA ALA A 74 8.20 19.17 -15.70
C ALA A 74 9.13 18.18 -14.99
N LYS A 75 10.00 17.53 -15.76
CA LYS A 75 10.93 16.53 -15.23
C LYS A 75 12.23 17.15 -14.73
N THR A 76 12.34 18.47 -14.79
CA THR A 76 13.61 19.13 -14.51
C THR A 76 13.77 19.63 -13.09
N HIS A 77 15.01 19.67 -12.65
CA HIS A 77 15.40 20.34 -11.42
C HIS A 77 14.88 21.79 -11.40
N PHE A 78 14.89 22.45 -12.57
CA PHE A 78 14.34 23.81 -12.66
C PHE A 78 12.87 23.88 -12.27
N PHE A 79 12.09 22.91 -12.74
CA PHE A 79 10.66 22.94 -12.51
C PHE A 79 10.30 22.64 -11.05
N GLU A 80 11.01 21.69 -10.43
CA GLU A 80 10.89 21.45 -8.98
C GLU A 80 11.23 22.69 -8.14
N ARG A 81 12.35 23.35 -8.44
CA ARG A 81 12.72 24.57 -7.69
C ARG A 81 11.70 25.68 -7.91
N ALA A 82 11.25 25.82 -9.16
CA ALA A 82 10.32 26.88 -9.53
C ALA A 82 9.00 26.69 -8.80
N SER A 83 8.60 25.43 -8.68
CA SER A 83 7.35 25.10 -8.00
C SER A 83 7.53 25.28 -6.52
N ASP A 84 8.53 24.61 -5.95
CA ASP A 84 8.87 24.77 -4.55
C ASP A 84 8.89 26.26 -4.19
N ASP A 85 9.57 27.08 -5.00
CA ASP A 85 9.67 28.54 -4.72
C ASP A 85 8.35 29.30 -4.75
N ILE A 86 7.32 28.75 -5.37
CA ILE A 86 6.02 29.40 -5.31
C ILE A 86 5.34 29.05 -3.99
N ARG A 87 5.60 27.83 -3.49
CA ARG A 87 5.04 27.40 -2.20
C ARG A 87 5.67 28.19 -1.05
N ILE A 88 6.98 28.38 -1.11
CA ILE A 88 7.68 29.21 -0.14
C ILE A 88 7.12 30.63 -0.13
N ARG A 89 7.01 31.25 -1.30
CA ARG A 89 6.49 32.61 -1.43
C ARG A 89 5.08 32.78 -0.87
N SER A 90 4.22 31.78 -1.09
CA SER A 90 2.87 31.77 -0.54
C SER A 90 2.89 31.69 1.00
N TRP A 91 3.78 30.86 1.53
CA TRP A 91 3.97 30.74 2.97
C TRP A 91 4.35 32.10 3.57
N GLU A 92 5.42 32.68 3.03
CA GLU A 92 5.88 34.04 3.36
C GLU A 92 4.72 35.05 3.36
N LEU A 93 4.04 35.17 2.22
CA LEU A 93 2.98 36.17 2.01
C LEU A 93 1.81 36.04 2.98
N MET A 94 1.39 34.81 3.25
CA MET A 94 0.28 34.57 4.17
C MET A 94 0.69 34.75 5.64
N GLY A 95 1.99 34.63 5.92
CA GLY A 95 2.50 34.81 7.26
C GLY A 95 2.54 36.28 7.63
N GLN A 96 2.97 37.10 6.67
CA GLN A 96 3.13 38.54 6.85
C GLN A 96 1.80 39.29 6.82
N SER A 97 0.90 38.86 5.94
CA SER A 97 -0.30 39.64 5.64
C SER A 97 -1.49 39.29 6.52
N PHE A 98 -1.36 38.21 7.29
CA PHE A 98 -2.52 37.65 7.99
C PHE A 98 -2.19 37.15 9.38
N VAL A 99 -3.02 37.53 10.33
CA VAL A 99 -2.98 36.90 11.63
C VAL A 99 -3.68 35.56 11.42
N ILE A 100 -3.00 34.48 11.75
CA ILE A 100 -3.57 33.16 11.51
C ILE A 100 -3.45 32.32 12.77
N GLU A 101 -4.61 31.94 13.29
CA GLU A 101 -4.70 31.21 14.55
C GLU A 101 -4.39 29.73 14.36
N GLY A 102 -3.63 29.17 15.29
CA GLY A 102 -3.45 27.73 15.34
C GLY A 102 -4.77 27.10 15.73
N GLN A 103 -5.26 26.15 14.93
CA GLN A 103 -6.55 25.53 15.19
C GLN A 103 -6.43 24.11 15.76
N THR A 104 -5.20 23.62 15.95
CA THR A 104 -5.00 22.24 16.37
C THR A 104 -5.75 21.93 17.67
N ASP A 105 -5.76 22.89 18.59
CA ASP A 105 -6.35 22.64 19.89
C ASP A 105 -7.87 22.81 19.90
N ARG A 106 -8.39 23.52 18.92
CA ARG A 106 -9.83 23.57 18.79
C ARG A 106 -10.33 22.25 18.15
N LEU A 107 -9.49 21.64 17.31
CA LEU A 107 -9.79 20.31 16.76
C LEU A 107 -9.74 19.24 17.86
N ARG A 108 -8.86 19.44 18.85
CA ARG A 108 -8.80 18.53 19.99
C ARG A 108 -10.09 18.58 20.79
N GLU A 109 -10.56 19.80 21.05
CA GLU A 109 -11.83 20.02 21.74
C GLU A 109 -12.98 19.35 21.01
N MET A 110 -12.88 19.32 19.67
CA MET A 110 -13.91 18.72 18.82
C MET A 110 -13.84 17.19 18.78
N GLY A 111 -12.81 16.61 19.38
CA GLY A 111 -12.69 15.17 19.48
C GLY A 111 -11.51 14.58 18.73
N TYR A 112 -10.80 15.42 17.98
CA TYR A 112 -9.75 14.93 17.09
C TYR A 112 -8.49 14.52 17.82
N SER A 113 -8.11 13.26 17.63
CA SER A 113 -6.90 12.74 18.26
C SER A 113 -5.65 13.20 17.52
N VAL A 114 -4.50 13.01 18.15
CA VAL A 114 -3.22 13.43 17.62
C VAL A 114 -2.91 12.77 16.27
N ARG A 115 -3.21 11.48 16.15
CA ARG A 115 -2.98 10.77 14.90
C ARG A 115 -3.86 11.29 13.78
N GLU A 116 -5.12 11.62 14.12
CA GLU A 116 -6.08 12.13 13.15
C GLU A 116 -5.66 13.49 12.62
N ILE A 117 -5.12 14.32 13.50
CA ILE A 117 -4.70 15.66 13.10
C ILE A 117 -3.46 15.56 12.20
N GLY A 118 -2.63 14.56 12.47
CA GLY A 118 -1.47 14.27 11.64
C GLY A 118 -1.83 13.83 10.23
N GLN A 119 -2.92 13.08 10.11
CA GLN A 119 -3.42 12.63 8.81
C GLN A 119 -3.92 13.81 8.01
N ILE A 120 -4.63 14.70 8.69
CA ILE A 120 -5.13 15.93 8.08
C ILE A 120 -3.99 16.76 7.50
N ARG A 121 -2.93 16.95 8.28
CA ARG A 121 -1.77 17.73 7.84
C ARG A 121 -1.12 17.08 6.63
N ALA A 122 -1.00 15.77 6.67
CA ALA A 122 -0.43 14.99 5.58
C ALA A 122 -1.19 15.26 4.30
N VAL A 123 -2.51 15.40 4.42
CA VAL A 123 -3.34 15.68 3.26
C VAL A 123 -3.13 17.11 2.75
N LEU A 124 -2.99 18.07 3.65
CA LEU A 124 -2.73 19.46 3.23
C LEU A 124 -1.40 19.53 2.46
N ASP A 125 -0.42 18.79 2.95
CA ASP A 125 0.92 18.73 2.34
C ASP A 125 0.91 18.30 0.87
N ILE A 126 0.07 17.34 0.53
CA ILE A 126 -0.02 16.86 -0.85
C ILE A 126 -0.35 18.02 -1.80
N PHE A 127 -1.35 18.81 -1.44
CA PHE A 127 -1.78 19.91 -2.30
C PHE A 127 -0.88 21.15 -2.25
N ASP A 128 -0.34 21.46 -1.06
CA ASP A 128 0.66 22.52 -0.85
C ASP A 128 1.86 22.26 -1.76
N TYR A 129 2.19 20.98 -1.93
CA TYR A 129 3.29 20.60 -2.78
C TYR A 129 2.93 20.60 -4.27
N GLY A 130 1.75 20.12 -4.61
CA GLY A 130 1.43 19.83 -6.00
C GLY A 130 0.79 20.97 -6.76
N ASN A 131 -0.08 21.72 -6.07
CA ASN A 131 -0.81 22.80 -6.71
C ASN A 131 0.05 23.79 -7.52
N PRO A 132 1.25 24.19 -7.01
CA PRO A 132 2.07 25.09 -7.85
C PRO A 132 2.45 24.48 -9.19
N LYS A 133 2.69 23.17 -9.21
CA LYS A 133 3.02 22.50 -10.47
C LYS A 133 1.88 22.63 -11.48
N TYR A 134 0.65 22.56 -10.99
CA TYR A 134 -0.54 22.72 -11.84
C TYR A 134 -0.73 24.18 -12.27
N LEU A 135 -0.48 25.11 -11.35
CA LEU A 135 -0.53 26.52 -11.70
C LEU A 135 0.43 26.83 -12.84
N ILE A 136 1.63 26.27 -12.77
CA ILE A 136 2.60 26.55 -13.81
C ILE A 136 2.18 25.87 -15.11
N PHE A 137 1.68 24.64 -15.04
CA PHE A 137 1.18 23.95 -16.24
C PHE A 137 0.04 24.75 -16.88
N ALA A 138 -0.92 25.17 -16.05
CA ALA A 138 -2.08 25.94 -16.48
C ALA A 138 -1.68 27.24 -17.16
N THR A 139 -0.77 27.97 -16.51
CA THR A 139 -0.21 29.20 -17.07
C THR A 139 0.39 28.98 -18.47
N ALA A 140 1.19 27.93 -18.62
CA ALA A 140 1.77 27.57 -19.92
C ALA A 140 0.70 27.33 -20.98
N ILE A 141 -0.30 26.53 -20.64
CA ILE A 141 -1.38 26.22 -21.57
C ILE A 141 -2.13 27.49 -21.97
N LYS A 142 -2.47 28.33 -21.00
CA LYS A 142 -3.19 29.58 -21.29
C LYS A 142 -2.35 30.56 -22.14
N GLU A 143 -1.14 30.88 -21.71
CA GLU A 143 -0.36 31.91 -22.40
C GLU A 143 0.07 31.43 -23.79
N GLY A 144 0.30 30.13 -23.92
CA GLY A 144 0.64 29.53 -25.20
C GLY A 144 -0.49 29.69 -26.21
N LEU A 145 -1.73 29.56 -25.73
CA LEU A 145 -2.89 29.65 -26.62
C LEU A 145 -3.18 31.10 -27.00
N LEU A 146 -2.97 32.03 -26.07
CA LEU A 146 -3.26 33.44 -26.30
C LEU A 146 -2.18 34.19 -27.07
N SER A 147 -0.93 33.77 -26.95
CA SER A 147 0.17 34.58 -27.45
C SER A 147 0.81 33.97 -28.69
N GLY A 148 0.65 32.66 -28.82
CA GLY A 148 1.28 31.92 -29.90
C GLY A 148 2.79 31.86 -29.80
N ARG A 149 3.34 32.27 -28.67
CA ARG A 149 4.78 32.36 -28.54
C ARG A 149 5.40 31.06 -28.05
N THR A 150 6.67 30.87 -28.35
CA THR A 150 7.49 29.82 -27.80
C THR A 150 8.09 30.29 -26.48
N PHE A 151 7.80 29.59 -25.38
CA PHE A 151 8.38 29.91 -24.08
C PHE A 151 9.53 28.96 -23.68
N GLY A 152 10.60 29.54 -23.16
CA GLY A 152 11.71 28.79 -22.62
C GLY A 152 12.62 28.20 -23.68
N GLY A 153 13.48 27.25 -23.28
CA GLY A 153 14.39 26.61 -24.21
C GLY A 153 15.85 27.04 -24.08
N ALA A 154 16.11 28.03 -23.23
CA ALA A 154 17.46 28.51 -22.93
C ALA A 154 18.34 27.42 -22.32
N ALA A 155 19.58 27.35 -22.79
CA ALA A 155 20.53 26.44 -22.21
C ALA A 155 20.88 26.91 -20.77
N GLY A 156 21.28 28.17 -20.63
CA GLY A 156 21.50 28.78 -19.34
C GLY A 156 22.37 27.96 -18.41
N ASP A 157 22.02 27.98 -17.13
CA ASP A 157 22.66 27.16 -16.11
C ASP A 157 22.36 25.68 -16.35
N ALA A 158 23.36 24.95 -16.82
CA ALA A 158 23.23 23.53 -17.16
C ALA A 158 22.52 22.70 -16.09
N ARG A 159 22.62 23.12 -14.83
CA ARG A 159 22.03 22.36 -13.73
C ARG A 159 20.51 22.45 -13.71
N CYS A 160 19.96 23.43 -14.40
CA CYS A 160 18.51 23.55 -14.50
C CYS A 160 17.89 22.42 -15.32
N HIS A 161 18.69 21.72 -16.13
CA HIS A 161 18.16 20.64 -16.98
C HIS A 161 18.38 19.26 -16.35
N PHE A 162 18.97 19.22 -15.16
CA PHE A 162 19.16 17.95 -14.45
C PHE A 162 17.80 17.39 -14.04
N PRO A 163 17.73 16.07 -13.81
CA PRO A 163 16.50 15.47 -13.28
C PRO A 163 16.08 16.09 -11.94
N ARG A 164 14.79 16.18 -11.65
CA ARG A 164 14.33 16.80 -10.40
C ARG A 164 14.58 15.88 -9.22
N SER A 165 14.48 16.43 -8.01
CA SER A 165 14.58 15.62 -6.80
C SER A 165 13.48 14.58 -6.99
N PRO A 166 13.84 13.28 -6.88
CA PRO A 166 13.11 12.18 -7.52
C PRO A 166 12.03 11.49 -6.69
N ILE A 167 12.00 11.70 -5.38
CA ILE A 167 11.01 10.96 -4.59
C ILE A 167 9.65 11.62 -4.72
N CYS A 168 8.62 10.79 -4.62
CA CYS A 168 7.29 11.23 -4.89
C CYS A 168 6.29 10.31 -4.23
N GLN A 169 5.04 10.75 -4.19
CA GLN A 169 3.93 9.92 -3.77
C GLN A 169 2.87 9.87 -4.87
N ILE A 170 2.64 8.71 -5.49
CA ILE A 170 1.79 8.66 -6.68
C ILE A 170 0.55 7.75 -6.49
N ASP A 171 0.58 6.96 -5.42
CA ASP A 171 -0.55 6.15 -4.98
C ASP A 171 -0.58 6.17 -3.45
N PRO A 172 -1.78 6.08 -2.85
CA PRO A 172 -3.08 5.95 -3.48
C PRO A 172 -3.66 7.31 -3.87
N ILE A 173 -4.78 7.30 -4.59
CA ILE A 173 -5.48 8.53 -4.85
C ILE A 173 -6.00 9.06 -3.53
N PRO A 174 -5.80 10.36 -3.25
CA PRO A 174 -6.43 10.87 -2.03
C PRO A 174 -7.93 10.59 -2.01
N VAL A 175 -8.40 10.19 -0.84
CA VAL A 175 -9.81 10.10 -0.51
C VAL A 175 -10.52 11.42 -0.66
N MET A 176 -11.40 11.52 -1.66
CA MET A 176 -12.12 12.76 -1.93
C MET A 176 -13.63 12.55 -1.93
N VAL A 177 -14.33 13.37 -1.18
CA VAL A 177 -15.78 13.36 -1.16
C VAL A 177 -16.28 14.24 -2.29
N GLU A 178 -16.71 13.57 -3.37
CA GLU A 178 -17.16 14.19 -4.58
C GLU A 178 -18.55 14.78 -4.37
N GLU A 179 -18.93 15.69 -5.26
CA GLU A 179 -20.20 16.39 -5.13
C GLU A 179 -21.41 15.44 -5.09
N HIS A 180 -21.34 14.28 -5.76
CA HIS A 180 -22.44 13.31 -5.68
C HIS A 180 -22.31 12.35 -4.49
N HIS A 181 -21.21 12.43 -3.74
CA HIS A 181 -21.12 11.69 -2.48
C HIS A 181 -21.79 12.50 -1.38
N ALA A 182 -21.84 13.82 -1.58
CA ALA A 182 -22.27 14.76 -0.55
C ALA A 182 -23.71 14.59 -0.07
N GLY A 183 -23.88 14.52 1.24
CA GLY A 183 -25.20 14.54 1.85
C GLY A 183 -25.80 15.92 1.85
N GLY A 184 -26.36 16.33 2.98
CA GLY A 184 -27.07 17.61 3.03
C GLY A 184 -26.17 18.80 3.20
N THR A 185 -25.67 19.00 4.42
CA THR A 185 -24.91 20.19 4.76
C THR A 185 -23.62 20.32 3.97
N LEU A 186 -23.06 19.20 3.55
CA LEU A 186 -21.82 19.25 2.80
C LEU A 186 -22.04 19.89 1.44
N SER A 187 -23.24 19.72 0.90
CA SER A 187 -23.60 20.41 -0.33
C SER A 187 -23.67 21.91 -0.04
N GLN A 188 -24.13 22.25 1.17
CA GLN A 188 -24.23 23.65 1.57
C GLN A 188 -22.86 24.29 1.70
N VAL A 189 -21.92 23.55 2.27
CA VAL A 189 -20.54 24.00 2.40
C VAL A 189 -19.86 24.14 1.03
N TYR A 190 -20.12 23.16 0.16
CA TYR A 190 -19.61 23.18 -1.22
C TYR A 190 -20.19 24.34 -2.04
N ALA A 191 -21.46 24.65 -1.80
CA ALA A 191 -22.09 25.78 -2.47
C ALA A 191 -21.42 27.06 -2.01
N ASP A 192 -21.27 27.18 -0.69
CA ASP A 192 -20.62 28.32 -0.08
C ASP A 192 -19.23 28.55 -0.67
N ILE A 193 -18.47 27.47 -0.84
CA ILE A 193 -17.14 27.58 -1.42
C ILE A 193 -17.19 28.06 -2.87
N LYS A 194 -18.05 27.45 -3.68
CA LYS A 194 -18.14 27.81 -5.09
C LYS A 194 -18.52 29.28 -5.25
N GLN A 195 -19.51 29.71 -4.48
CA GLN A 195 -20.00 31.07 -4.56
C GLN A 195 -18.94 32.07 -4.09
N THR A 196 -18.28 31.76 -2.98
CA THR A 196 -17.27 32.66 -2.42
C THR A 196 -16.01 32.76 -3.30
N LEU A 197 -15.60 31.64 -3.87
CA LEU A 197 -14.40 31.63 -4.72
C LEU A 197 -14.71 31.81 -6.21
N GLN A 198 -15.98 32.02 -6.55
CA GLN A 198 -16.44 32.28 -7.93
C GLN A 198 -16.14 31.11 -8.89
N LEU A 199 -16.47 29.90 -8.47
CA LEU A 199 -16.14 28.71 -9.24
C LEU A 199 -17.34 27.81 -9.46
N PRO A 200 -17.39 27.15 -10.62
CA PRO A 200 -18.46 26.20 -10.92
C PRO A 200 -18.14 24.77 -10.46
N PHE A 201 -17.10 24.60 -9.66
CA PHE A 201 -16.66 23.27 -9.23
C PHE A 201 -15.95 23.34 -7.89
N ILE A 202 -15.76 22.17 -7.27
CA ILE A 202 -14.98 22.08 -6.04
C ILE A 202 -13.63 21.45 -6.29
N ASN A 203 -12.59 22.19 -5.96
CA ASN A 203 -11.23 21.69 -6.11
C ASN A 203 -10.96 20.45 -5.25
N SER A 204 -9.90 19.72 -5.62
CA SER A 204 -9.55 18.45 -4.99
C SER A 204 -9.30 18.54 -3.48
N ASN A 205 -8.54 19.54 -3.07
CA ASN A 205 -8.14 19.69 -1.67
C ASN A 205 -9.33 19.85 -0.72
N TYR A 206 -10.37 20.55 -1.15
CA TYR A 206 -11.54 20.72 -0.30
C TYR A 206 -12.28 19.39 -0.22
N LYS A 207 -12.31 18.68 -1.34
CA LYS A 207 -12.96 17.40 -1.38
C LYS A 207 -12.24 16.41 -0.47
N ALA A 208 -10.91 16.49 -0.43
CA ALA A 208 -10.12 15.67 0.47
C ALA A 208 -10.33 16.06 1.93
N MET A 209 -10.39 17.37 2.18
CA MET A 209 -10.71 17.89 3.52
C MET A 209 -12.10 17.42 3.94
N ALA A 210 -12.96 17.14 2.97
CA ALA A 210 -14.34 16.79 3.25
C ALA A 210 -14.50 15.38 3.82
N ARG A 211 -13.48 14.54 3.72
CA ARG A 211 -13.51 13.26 4.42
C ARG A 211 -13.64 13.52 5.93
N TRP A 212 -13.20 14.71 6.35
CA TRP A 212 -13.49 15.16 7.69
C TRP A 212 -14.40 16.39 7.63
N PRO A 213 -15.71 16.17 7.41
CA PRO A 213 -16.70 17.23 7.24
C PRO A 213 -16.61 18.34 8.29
N SER A 214 -16.49 17.98 9.57
CA SER A 214 -16.45 18.97 10.66
C SER A 214 -15.18 19.80 10.64
N TYR A 215 -14.05 19.16 10.33
CA TYR A 215 -12.80 19.89 10.10
C TYR A 215 -12.89 20.88 8.93
N LEU A 216 -13.57 20.49 7.86
CA LEU A 216 -13.67 21.35 6.69
C LEU A 216 -14.46 22.62 7.01
N GLU A 217 -15.64 22.44 7.61
CA GLU A 217 -16.49 23.54 8.04
C GLU A 217 -15.67 24.57 8.81
N GLN A 218 -14.89 24.06 9.77
CA GLN A 218 -14.05 24.86 10.63
C GLN A 218 -12.94 25.57 9.87
N ALA A 219 -12.25 24.85 9.01
CA ALA A 219 -11.10 25.42 8.30
C ALA A 219 -11.55 26.38 7.20
N TRP A 220 -12.69 26.10 6.59
CA TRP A 220 -13.23 27.01 5.57
C TRP A 220 -13.76 28.27 6.25
N GLY A 221 -14.38 28.09 7.42
CA GLY A 221 -14.89 29.22 8.17
C GLY A 221 -13.80 30.23 8.50
N ALA A 222 -12.60 29.75 8.78
CA ALA A 222 -11.49 30.60 9.17
C ALA A 222 -10.80 31.25 7.97
N LEU A 223 -10.87 30.60 6.81
CA LEU A 223 -10.26 31.17 5.61
C LEU A 223 -11.16 32.22 4.97
N LYS A 224 -12.46 31.92 4.93
CA LYS A 224 -13.44 32.72 4.16
C LYS A 224 -13.33 34.24 4.32
N PRO A 225 -13.25 34.78 5.55
CA PRO A 225 -13.16 36.24 5.69
C PRO A 225 -11.90 36.85 5.09
N CYS A 226 -10.88 36.03 4.84
CA CYS A 226 -9.64 36.54 4.26
C CYS A 226 -9.74 36.69 2.74
N ILE A 227 -10.64 35.94 2.13
CA ILE A 227 -10.78 35.94 0.67
C ILE A 227 -11.04 37.34 0.14
N ASP A 228 -10.29 37.68 -0.89
CA ASP A 228 -10.48 38.93 -1.59
C ASP A 228 -10.37 40.17 -0.67
N THR A 229 -9.62 40.05 0.42
CA THR A 229 -9.16 41.25 1.12
C THR A 229 -7.98 41.80 0.33
N PRO A 230 -7.71 43.12 0.45
CA PRO A 230 -6.56 43.75 -0.24
C PRO A 230 -5.27 42.95 -0.21
N ALA A 231 -4.86 42.51 0.98
CA ALA A 231 -3.64 41.73 1.13
C ALA A 231 -3.71 40.39 0.38
N TYR A 232 -4.90 39.81 0.31
CA TYR A 232 -5.11 38.53 -0.38
C TYR A 232 -4.87 38.68 -1.87
N GLN A 233 -5.52 39.70 -2.41
CA GLN A 233 -5.49 40.03 -3.82
C GLN A 233 -4.11 40.46 -4.27
N ALA A 234 -3.37 41.07 -3.36
CA ALA A 234 -2.02 41.49 -3.67
C ALA A 234 -1.10 40.27 -3.73
N GLY A 235 -1.20 39.42 -2.72
CA GLY A 235 -0.47 38.16 -2.70
C GLY A 235 -0.82 37.30 -3.92
N ARG A 236 -2.11 37.25 -4.24
CA ARG A 236 -2.57 36.47 -5.37
C ARG A 236 -1.97 36.93 -6.69
N PHE A 237 -1.81 38.25 -6.85
CA PHE A 237 -1.19 38.85 -8.03
C PHE A 237 0.27 38.46 -8.11
N ASP A 238 0.93 38.48 -6.96
CA ASP A 238 2.34 38.15 -6.84
C ASP A 238 2.57 36.67 -7.23
N ILE A 239 1.70 35.79 -6.71
CA ILE A 239 1.77 34.36 -7.03
C ILE A 239 1.59 34.11 -8.52
N ASN A 240 0.61 34.78 -9.10
CA ASN A 240 0.41 34.72 -10.53
C ASN A 240 1.64 35.15 -11.33
N ALA A 241 2.28 36.24 -10.90
CA ALA A 241 3.40 36.82 -11.64
C ALA A 241 4.59 35.86 -11.67
N ARG A 242 4.78 35.11 -10.59
CA ARG A 242 5.83 34.12 -10.52
C ARG A 242 5.55 32.91 -11.40
N ALA A 243 4.28 32.57 -11.55
CA ALA A 243 3.90 31.53 -12.49
C ALA A 243 4.34 31.94 -13.90
N LEU A 244 4.07 33.21 -14.25
CA LEU A 244 4.45 33.75 -15.57
C LEU A 244 5.97 33.84 -15.76
N ALA A 245 6.68 34.16 -14.68
CA ALA A 245 8.13 34.12 -14.68
C ALA A 245 8.65 32.69 -14.87
N ALA A 246 8.06 31.73 -14.17
CA ALA A 246 8.40 30.30 -14.37
C ALA A 246 8.16 29.85 -15.82
N LEU A 247 7.03 30.23 -16.41
CA LEU A 247 6.79 29.94 -17.83
C LEU A 247 7.88 30.53 -18.73
N ASP A 248 8.31 31.78 -18.46
CA ASP A 248 9.34 32.40 -19.30
C ASP A 248 10.68 31.68 -19.28
N ALA A 249 10.93 30.88 -18.24
CA ALA A 249 12.23 30.26 -18.06
C ALA A 249 12.18 28.72 -18.06
N LEU A 250 11.18 28.16 -18.72
CA LEU A 250 11.15 26.72 -18.93
C LEU A 250 12.43 26.28 -19.63
N PRO A 251 13.03 25.19 -19.13
CA PRO A 251 14.30 24.65 -19.64
C PRO A 251 14.13 24.06 -21.04
N THR A 252 12.95 23.53 -21.32
CA THR A 252 12.62 22.97 -22.62
C THR A 252 11.58 23.84 -23.29
N ALA A 253 11.85 24.28 -24.52
CA ALA A 253 10.93 25.21 -25.18
C ALA A 253 9.50 24.65 -25.24
N TYR A 254 8.52 25.48 -24.91
CA TYR A 254 7.12 25.11 -25.00
C TYR A 254 6.40 26.05 -25.96
N ARG A 255 5.75 25.48 -26.97
CA ARG A 255 4.86 26.27 -27.83
C ARG A 255 3.60 25.47 -28.07
N MET A 256 2.45 26.11 -27.87
CA MET A 256 1.19 25.43 -28.15
C MET A 256 0.11 26.45 -28.46
N SER A 257 0.14 26.93 -29.70
CA SER A 257 -0.70 28.02 -30.21
C SER A 257 -2.05 27.53 -30.72
N ARG A 258 -2.94 28.48 -31.03
CA ARG A 258 -4.23 28.16 -31.62
C ARG A 258 -4.08 27.27 -32.85
N ASP A 259 -3.05 27.53 -33.65
CA ASP A 259 -2.77 26.72 -34.82
C ASP A 259 -2.34 25.31 -34.43
N ASP A 260 -1.54 25.20 -33.38
CA ASP A 260 -1.06 23.90 -32.92
C ASP A 260 -2.23 23.06 -32.41
N ALA A 261 -3.18 23.72 -31.77
CA ALA A 261 -4.42 23.09 -31.35
C ALA A 261 -5.20 22.54 -32.56
N LEU A 262 -5.27 23.32 -33.64
CA LEU A 262 -5.90 22.89 -34.89
C LEU A 262 -5.26 21.62 -35.41
N GLN A 263 -3.95 21.64 -35.55
CA GLN A 263 -3.22 20.47 -36.04
C GLN A 263 -3.26 19.28 -35.06
N ALA A 264 -3.46 19.55 -33.76
CA ALA A 264 -3.63 18.45 -32.81
C ALA A 264 -4.98 17.76 -33.00
N GLY A 265 -5.90 18.43 -33.70
CA GLY A 265 -7.18 17.84 -34.03
C GLY A 265 -8.43 18.54 -33.51
N LEU A 266 -8.24 19.73 -32.95
CA LEU A 266 -9.36 20.54 -32.45
C LEU A 266 -9.91 21.47 -33.54
N SER A 267 -11.20 21.76 -33.47
CA SER A 267 -11.78 22.82 -34.29
C SER A 267 -11.39 24.18 -33.72
N GLU A 268 -11.70 25.26 -34.42
CA GLU A 268 -11.49 26.60 -33.88
C GLU A 268 -12.50 26.97 -32.80
N ALA A 269 -13.71 26.43 -32.92
CA ALA A 269 -14.76 26.62 -31.92
C ALA A 269 -14.36 26.02 -30.56
N GLN A 270 -13.95 24.75 -30.59
CA GLN A 270 -13.49 24.05 -29.40
C GLN A 270 -12.24 24.73 -28.82
N THR A 271 -11.40 25.30 -29.67
CA THR A 271 -10.19 25.95 -29.21
C THR A 271 -10.53 27.22 -28.44
N ASP A 272 -11.47 27.99 -28.98
CA ASP A 272 -11.99 29.17 -28.30
C ASP A 272 -12.59 28.82 -26.95
N GLU A 273 -13.35 27.72 -26.91
CA GLU A 273 -13.95 27.26 -25.66
C GLU A 273 -12.87 26.81 -24.64
N LEU A 274 -11.81 26.21 -25.15
CA LEU A 274 -10.70 25.75 -24.33
C LEU A 274 -9.94 26.93 -23.72
N ILE A 275 -9.81 28.01 -24.50
CA ILE A 275 -9.10 29.21 -24.04
C ILE A 275 -9.78 29.83 -22.83
N GLN A 276 -11.11 29.82 -22.80
CA GLN A 276 -11.81 30.33 -21.65
C GLN A 276 -11.80 29.35 -20.47
N VAL A 277 -11.88 28.05 -20.73
CA VAL A 277 -11.80 27.10 -19.63
C VAL A 277 -10.47 27.24 -18.87
N ILE A 278 -9.36 27.26 -19.60
CA ILE A 278 -8.06 27.31 -18.97
C ILE A 278 -7.80 28.69 -18.33
N SER A 279 -8.35 29.75 -18.89
CA SER A 279 -8.26 31.06 -18.26
C SER A 279 -8.91 31.05 -16.88
N LEU A 280 -10.01 30.33 -16.75
CA LEU A 280 -10.73 30.32 -15.48
C LEU A 280 -9.92 29.51 -14.48
N PHE A 281 -9.35 28.40 -14.93
CA PHE A 281 -8.55 27.55 -14.07
C PHE A 281 -7.26 28.23 -13.64
N GLN A 282 -6.61 28.90 -14.59
CA GLN A 282 -5.33 29.50 -14.33
C GLN A 282 -5.47 30.63 -13.32
N TRP A 283 -6.54 31.39 -13.42
CA TRP A 283 -6.83 32.46 -12.46
C TRP A 283 -7.04 31.86 -11.11
N MET A 284 -7.85 30.82 -11.09
CA MET A 284 -8.24 30.12 -9.87
C MET A 284 -7.04 29.59 -9.11
N LEU A 285 -6.04 29.07 -9.84
CA LEU A 285 -4.96 28.34 -9.21
C LEU A 285 -4.11 29.23 -8.31
N SER A 286 -3.96 30.51 -8.66
CA SER A 286 -3.22 31.41 -7.77
C SER A 286 -3.94 31.54 -6.42
N GLY A 287 -5.26 31.61 -6.44
CA GLY A 287 -6.02 31.69 -5.21
C GLY A 287 -5.97 30.41 -4.40
N LEU A 288 -5.96 29.28 -5.10
CA LEU A 288 -6.02 27.98 -4.42
C LEU A 288 -4.75 27.77 -3.58
N VAL A 289 -3.62 28.18 -4.14
CA VAL A 289 -2.35 28.06 -3.48
C VAL A 289 -2.34 28.82 -2.14
N LEU A 290 -2.90 30.03 -2.13
CA LEU A 290 -2.96 30.79 -0.89
C LEU A 290 -3.93 30.11 0.07
N ASN A 291 -5.00 29.55 -0.45
CA ASN A 291 -6.00 28.88 0.37
C ASN A 291 -5.42 27.70 1.13
N VAL A 292 -4.58 26.93 0.45
CA VAL A 292 -4.02 25.74 1.05
C VAL A 292 -2.98 26.15 2.08
N THR A 293 -2.21 27.18 1.76
CA THR A 293 -1.25 27.77 2.69
C THR A 293 -1.92 28.21 3.98
N HIS A 294 -3.05 28.90 3.86
CA HIS A 294 -3.82 29.31 5.03
C HIS A 294 -4.22 28.10 5.87
N PHE A 295 -4.81 27.10 5.22
CA PHE A 295 -5.19 25.87 5.91
C PHE A 295 -3.99 25.30 6.63
N LYS A 296 -2.89 25.17 5.89
CA LYS A 296 -1.70 24.53 6.41
C LYS A 296 -1.13 25.34 7.57
N GLN A 297 -1.28 26.66 7.53
CA GLN A 297 -0.81 27.48 8.66
C GLN A 297 -1.76 27.33 9.83
N GLN A 298 -3.06 27.18 9.57
CA GLN A 298 -4.01 26.91 10.65
C GLN A 298 -3.66 25.62 11.41
N ALA A 299 -3.16 24.62 10.70
CA ALA A 299 -2.92 23.31 11.28
C ALA A 299 -1.56 23.23 12.00
N LEU A 300 -0.91 24.38 12.12
CA LEU A 300 0.47 24.52 12.61
C LEU A 300 0.72 23.73 13.89
N HIS B 9 0.63 -48.51 -4.32
CA HIS B 9 1.76 -47.77 -4.89
C HIS B 9 1.31 -46.81 -6.01
N LEU B 10 0.30 -45.98 -5.73
CA LEU B 10 -0.25 -45.02 -6.69
C LEU B 10 0.78 -44.03 -7.27
N GLN B 11 0.76 -43.82 -8.59
CA GLN B 11 1.57 -42.77 -9.19
C GLN B 11 0.78 -42.01 -10.25
N LEU B 12 1.09 -40.73 -10.35
CA LEU B 12 0.50 -39.86 -11.35
C LEU B 12 1.46 -39.74 -12.52
N PRO B 13 1.13 -40.38 -13.64
CA PRO B 13 2.03 -40.47 -14.81
C PRO B 13 2.32 -39.10 -15.38
N ARG B 14 3.57 -38.84 -15.71
CA ARG B 14 3.96 -37.56 -16.30
C ARG B 14 3.74 -37.61 -17.81
N PRO B 15 2.89 -36.71 -18.33
CA PRO B 15 2.64 -36.61 -19.78
C PRO B 15 3.89 -36.26 -20.57
N VAL B 16 3.87 -36.54 -21.87
CA VAL B 16 4.96 -36.15 -22.74
C VAL B 16 4.73 -34.75 -23.29
N CYS B 17 5.70 -33.86 -23.08
CA CYS B 17 5.54 -32.50 -23.58
C CYS B 17 6.68 -32.10 -24.49
N GLU B 18 6.42 -32.20 -25.79
CA GLU B 18 7.36 -31.79 -26.82
C GLU B 18 7.33 -30.27 -26.97
N ALA B 19 6.19 -29.68 -26.61
CA ALA B 19 5.88 -28.30 -26.94
C ALA B 19 6.61 -27.23 -26.11
N ILE B 20 6.96 -26.14 -26.78
CA ILE B 20 7.54 -24.96 -26.17
C ILE B 20 6.49 -24.18 -25.39
N ILE B 21 6.83 -23.83 -24.17
CA ILE B 21 5.95 -23.05 -23.30
C ILE B 21 6.36 -21.60 -23.38
N ARG B 22 5.39 -20.70 -23.37
CA ARG B 22 5.67 -19.29 -23.60
C ARG B 22 4.89 -18.40 -22.62
N PRO B 23 5.34 -18.32 -21.37
CA PRO B 23 4.55 -17.52 -20.42
C PRO B 23 4.63 -16.04 -20.75
N VAL B 24 3.52 -15.31 -20.61
CA VAL B 24 3.53 -13.86 -20.69
C VAL B 24 3.49 -13.28 -19.28
N PRO B 25 4.66 -12.93 -18.72
CA PRO B 25 4.70 -12.46 -17.33
C PRO B 25 3.92 -11.16 -17.15
N GLU B 26 3.46 -10.88 -15.92
CA GLU B 26 2.65 -9.70 -15.66
C GLU B 26 3.38 -8.39 -16.05
N HIS B 27 4.69 -8.38 -15.92
CA HIS B 27 5.44 -7.19 -16.24
C HIS B 27 5.66 -7.00 -17.76
N ARG B 28 5.13 -7.90 -18.60
CA ARG B 28 5.14 -7.67 -20.05
C ARG B 28 3.75 -7.61 -20.67
N ALA B 29 2.72 -7.98 -19.92
CA ALA B 29 1.36 -7.99 -20.43
C ALA B 29 0.91 -6.60 -20.90
N ASP B 30 0.41 -6.52 -22.14
CA ASP B 30 -0.09 -5.26 -22.67
C ASP B 30 -1.38 -4.88 -21.95
N GLN B 31 -1.97 -3.76 -22.34
CA GLN B 31 -3.15 -3.23 -21.66
C GLN B 31 -4.29 -4.25 -21.66
N GLU B 32 -4.49 -4.90 -22.80
CA GLU B 32 -5.60 -5.84 -22.94
C GLU B 32 -5.42 -7.06 -22.04
N LEU B 33 -4.28 -7.71 -22.18
CA LEU B 33 -4.01 -8.91 -21.40
C LEU B 33 -4.03 -8.62 -19.90
N SER B 34 -3.51 -7.44 -19.51
CA SER B 34 -3.46 -7.03 -18.10
C SER B 34 -4.85 -6.93 -17.50
N GLU B 35 -5.81 -6.53 -18.32
CA GLU B 35 -7.20 -6.40 -17.89
C GLU B 35 -7.79 -7.75 -17.55
N ILE B 36 -7.37 -8.77 -18.29
CA ILE B 36 -7.84 -10.12 -18.04
C ILE B 36 -7.14 -10.65 -16.79
N TYR B 37 -5.84 -10.38 -16.71
CA TYR B 37 -5.05 -10.79 -15.55
C TYR B 37 -5.67 -10.26 -14.28
N ARG B 38 -6.01 -8.96 -14.30
CA ARG B 38 -6.58 -8.28 -13.15
C ARG B 38 -7.90 -8.91 -12.73
N ASP B 39 -8.74 -9.31 -13.69
CA ASP B 39 -10.01 -9.92 -13.35
C ASP B 39 -9.79 -11.31 -12.79
N LEU B 40 -8.79 -12.00 -13.32
CA LEU B 40 -8.39 -13.30 -12.83
C LEU B 40 -8.00 -13.20 -11.36
N LYS B 41 -7.07 -12.28 -11.09
CA LYS B 41 -6.63 -12.05 -9.72
C LYS B 41 -7.77 -11.59 -8.81
N ALA B 42 -8.63 -10.70 -9.31
CA ALA B 42 -9.74 -10.24 -8.49
C ALA B 42 -10.69 -11.39 -8.15
N THR B 43 -10.94 -12.26 -9.13
CA THR B 43 -11.86 -13.38 -8.94
C THR B 43 -11.29 -14.45 -7.99
N PHE B 44 -10.06 -14.92 -8.24
CA PHE B 44 -9.40 -15.87 -7.34
C PHE B 44 -9.08 -15.23 -5.99
N GLY B 45 -8.94 -13.91 -5.97
CA GLY B 45 -8.50 -13.22 -4.77
C GLY B 45 -7.06 -13.57 -4.42
N VAL B 46 -6.18 -13.63 -5.42
CA VAL B 46 -4.75 -13.80 -5.20
C VAL B 46 -3.95 -12.64 -5.86
N PRO B 47 -2.78 -12.28 -5.30
CA PRO B 47 -2.02 -11.12 -5.81
C PRO B 47 -1.04 -11.44 -6.93
N TRP B 48 -1.18 -12.60 -7.56
CA TRP B 48 -0.25 -13.03 -8.60
C TRP B 48 -0.96 -13.83 -9.68
N VAL B 49 -0.47 -13.74 -10.91
CA VAL B 49 -0.97 -14.54 -12.03
C VAL B 49 -0.13 -15.81 -12.19
N GLY B 50 -0.74 -16.98 -12.07
CA GLY B 50 -0.02 -18.24 -12.13
C GLY B 50 0.73 -18.45 -13.43
N VAL B 51 1.86 -19.16 -13.37
CA VAL B 51 2.63 -19.46 -14.59
C VAL B 51 1.75 -20.25 -15.58
N ILE B 52 0.89 -21.12 -15.05
CA ILE B 52 -0.10 -21.84 -15.84
C ILE B 52 -0.92 -20.88 -16.71
N THR B 53 -1.53 -19.86 -16.11
CA THR B 53 -2.35 -18.93 -16.87
C THR B 53 -1.48 -18.01 -17.75
N GLN B 54 -0.20 -17.82 -17.40
CA GLN B 54 0.69 -17.02 -18.26
C GLN B 54 0.98 -17.78 -19.55
N ALA B 55 1.07 -19.09 -19.42
CA ALA B 55 1.46 -19.95 -20.54
C ALA B 55 0.32 -20.07 -21.53
N VAL B 56 -0.88 -20.25 -20.99
CA VAL B 56 -2.11 -20.35 -21.78
C VAL B 56 -2.46 -18.99 -22.37
N ALA B 57 -1.98 -17.92 -21.72
CA ALA B 57 -2.21 -16.55 -22.22
C ALA B 57 -1.59 -16.32 -23.61
N TYR B 58 -0.53 -17.07 -23.91
CA TYR B 58 0.07 -16.98 -25.24
C TYR B 58 -0.97 -17.30 -26.32
N TYR B 59 -1.77 -18.33 -26.12
CA TYR B 59 -2.93 -18.61 -26.98
C TYR B 59 -4.10 -17.72 -26.54
N ARG B 60 -3.99 -16.41 -26.78
CA ARG B 60 -4.87 -15.44 -26.12
C ARG B 60 -6.38 -15.51 -26.35
N PRO B 61 -6.83 -15.65 -27.61
CA PRO B 61 -8.30 -15.73 -27.70
C PRO B 61 -8.90 -16.97 -26.99
N PHE B 62 -8.11 -18.04 -26.88
CA PHE B 62 -8.52 -19.21 -26.10
C PHE B 62 -8.60 -18.90 -24.61
N PHE B 63 -7.52 -18.34 -24.07
CA PHE B 63 -7.44 -18.02 -22.66
C PHE B 63 -8.58 -17.10 -22.29
N ALA B 64 -8.80 -16.07 -23.08
CA ALA B 64 -9.87 -15.10 -22.80
C ALA B 64 -11.24 -15.80 -22.79
N GLU B 65 -11.35 -16.82 -23.63
CA GLU B 65 -12.59 -17.54 -23.78
C GLU B 65 -12.75 -18.60 -22.70
N ALA B 66 -11.69 -19.35 -22.42
CA ALA B 66 -11.74 -20.35 -21.34
C ALA B 66 -12.03 -19.64 -20.03
N TRP B 67 -11.41 -18.48 -19.82
CA TRP B 67 -11.59 -17.76 -18.57
C TRP B 67 -13.03 -17.30 -18.40
N ARG B 68 -13.55 -16.60 -19.39
CA ARG B 68 -14.91 -16.07 -19.34
C ARG B 68 -15.93 -17.19 -19.07
N ARG B 69 -15.59 -18.43 -19.47
CA ARG B 69 -16.48 -19.58 -19.23
C ARG B 69 -16.24 -20.22 -17.87
N PHE B 70 -15.05 -20.01 -17.32
CA PHE B 70 -14.76 -20.57 -15.99
C PHE B 70 -15.16 -19.61 -14.87
N ALA B 71 -14.92 -18.32 -15.06
CA ALA B 71 -15.13 -17.31 -14.00
C ALA B 71 -16.48 -17.38 -13.30
N PRO B 72 -17.57 -17.70 -14.01
CA PRO B 72 -18.83 -17.85 -13.26
C PRO B 72 -18.78 -18.86 -12.11
N SER B 73 -18.12 -20.02 -12.30
CA SER B 73 -17.95 -20.97 -11.20
C SER B 73 -16.87 -20.52 -10.21
N ALA B 74 -15.89 -19.76 -10.68
CA ALA B 74 -14.78 -19.36 -9.82
C ALA B 74 -15.22 -18.32 -8.79
N LYS B 75 -16.36 -17.69 -9.02
CA LYS B 75 -16.88 -16.69 -8.09
C LYS B 75 -17.76 -17.29 -6.97
N THR B 76 -17.88 -18.62 -6.92
CA THR B 76 -18.90 -19.21 -6.08
C THR B 76 -18.36 -19.81 -4.78
N HIS B 77 -19.26 -19.85 -3.80
CA HIS B 77 -19.05 -20.57 -2.54
C HIS B 77 -18.43 -21.95 -2.78
N PHE B 78 -18.97 -22.67 -3.77
CA PHE B 78 -18.45 -23.98 -4.13
C PHE B 78 -16.96 -23.98 -4.45
N PHE B 79 -16.52 -23.04 -5.29
CA PHE B 79 -15.13 -23.02 -5.75
C PHE B 79 -14.19 -22.70 -4.60
N GLU B 80 -14.56 -21.69 -3.81
CA GLU B 80 -13.85 -21.36 -2.58
C GLU B 80 -13.71 -22.62 -1.70
N ARG B 81 -14.81 -23.33 -1.52
CA ARG B 81 -14.83 -24.48 -0.63
C ARG B 81 -14.02 -25.63 -1.21
N ALA B 82 -14.17 -25.85 -2.51
CA ALA B 82 -13.48 -26.99 -3.12
C ALA B 82 -11.98 -26.75 -3.15
N SER B 83 -11.56 -25.51 -3.43
CA SER B 83 -10.13 -25.15 -3.41
C SER B 83 -9.57 -25.24 -2.01
N ASP B 84 -10.33 -24.74 -1.05
CA ASP B 84 -9.91 -24.82 0.34
C ASP B 84 -9.72 -26.27 0.76
N ASP B 85 -10.65 -27.15 0.35
CA ASP B 85 -10.58 -28.55 0.79
C ASP B 85 -9.38 -29.30 0.21
N ILE B 86 -8.80 -28.77 -0.87
CA ILE B 86 -7.61 -29.40 -1.46
C ILE B 86 -6.37 -29.01 -0.67
N ARG B 87 -6.40 -27.82 -0.08
CA ARG B 87 -5.32 -27.39 0.79
C ARG B 87 -5.34 -28.23 2.07
N ILE B 88 -6.51 -28.34 2.67
CA ILE B 88 -6.74 -29.17 3.85
C ILE B 88 -6.31 -30.63 3.66
N ARG B 89 -6.63 -31.21 2.50
CA ARG B 89 -6.23 -32.58 2.22
C ARG B 89 -4.72 -32.71 2.08
N SER B 90 -4.07 -31.67 1.52
CA SER B 90 -2.61 -31.64 1.38
C SER B 90 -1.90 -31.54 2.72
N TRP B 91 -2.45 -30.70 3.60
CA TRP B 91 -1.93 -30.56 4.97
C TRP B 91 -2.08 -31.90 5.69
N GLU B 92 -3.25 -32.52 5.54
CA GLU B 92 -3.53 -33.81 6.13
C GLU B 92 -2.56 -34.88 5.65
N LEU B 93 -2.45 -35.03 4.33
CA LEU B 93 -1.55 -36.03 3.74
C LEU B 93 -0.11 -35.92 4.22
N MET B 94 0.51 -34.76 3.98
CA MET B 94 1.89 -34.49 4.41
C MET B 94 2.11 -34.67 5.91
N GLY B 95 1.08 -34.34 6.70
CA GLY B 95 1.15 -34.52 8.14
C GLY B 95 1.32 -35.98 8.52
N GLN B 96 0.49 -36.84 7.93
CA GLN B 96 0.45 -38.26 8.26
C GLN B 96 1.63 -39.04 7.69
N SER B 97 2.05 -38.64 6.50
CA SER B 97 3.00 -39.45 5.75
C SER B 97 4.43 -39.04 6.05
N PHE B 98 4.63 -37.84 6.60
CA PHE B 98 5.98 -37.33 6.81
C PHE B 98 6.20 -36.75 8.21
N VAL B 99 7.40 -36.98 8.73
CA VAL B 99 7.84 -36.30 9.94
C VAL B 99 8.56 -35.04 9.51
N ILE B 100 7.88 -33.92 9.58
CA ILE B 100 8.45 -32.69 9.04
C ILE B 100 9.01 -31.85 10.17
N GLU B 101 10.33 -31.74 10.23
CA GLU B 101 10.98 -30.99 11.29
C GLU B 101 10.82 -29.49 11.11
N GLY B 102 10.52 -28.80 12.21
CA GLY B 102 10.54 -27.35 12.21
C GLY B 102 11.89 -26.85 11.72
N GLN B 103 11.92 -25.66 11.13
CA GLN B 103 13.19 -25.15 10.66
C GLN B 103 13.37 -23.73 11.14
N THR B 104 12.37 -23.25 11.86
CA THR B 104 12.39 -21.90 12.38
C THR B 104 13.65 -21.66 13.23
N ASP B 105 14.05 -22.66 14.01
CA ASP B 105 15.24 -22.50 14.84
C ASP B 105 16.52 -22.49 14.03
N ARG B 106 16.58 -23.29 12.96
CA ARG B 106 17.75 -23.25 12.09
C ARG B 106 17.83 -21.88 11.40
N LEU B 107 16.69 -21.38 10.92
CA LEU B 107 16.70 -20.07 10.27
C LEU B 107 17.16 -19.03 11.27
N ARG B 108 16.59 -19.10 12.48
CA ARG B 108 16.91 -18.10 13.49
C ARG B 108 18.39 -18.19 13.84
N GLU B 109 18.99 -19.37 13.66
CA GLU B 109 20.45 -19.49 13.76
C GLU B 109 21.20 -18.85 12.59
N MET B 110 20.61 -18.87 11.40
CA MET B 110 21.26 -18.35 10.19
C MET B 110 21.28 -16.82 10.15
N GLY B 111 20.54 -16.20 11.06
CA GLY B 111 20.46 -14.75 11.13
C GLY B 111 19.05 -14.20 11.08
N TYR B 112 18.10 -15.03 10.62
CA TYR B 112 16.74 -14.57 10.38
C TYR B 112 16.03 -14.21 11.68
N SER B 113 15.33 -13.07 11.68
CA SER B 113 14.67 -12.60 12.90
C SER B 113 13.21 -12.96 12.85
N VAL B 114 12.50 -12.67 13.94
CA VAL B 114 11.13 -13.13 14.11
C VAL B 114 10.20 -12.44 13.10
N ARG B 115 10.49 -11.17 12.82
CA ARG B 115 9.70 -10.43 11.85
C ARG B 115 9.90 -11.07 10.49
N GLU B 116 11.16 -11.38 10.18
CA GLU B 116 11.54 -11.88 8.89
C GLU B 116 10.86 -13.21 8.60
N ILE B 117 10.94 -14.11 9.58
CA ILE B 117 10.35 -15.42 9.45
C ILE B 117 8.82 -15.31 9.32
N GLY B 118 8.24 -14.32 9.98
CA GLY B 118 6.85 -13.97 9.78
C GLY B 118 6.55 -13.64 8.32
N GLN B 119 7.44 -12.89 7.68
CA GLN B 119 7.25 -12.44 6.31
C GLN B 119 7.36 -13.60 5.35
N ILE B 120 8.26 -14.52 5.68
CA ILE B 120 8.40 -15.73 4.89
C ILE B 120 7.10 -16.55 4.96
N ARG B 121 6.54 -16.67 6.16
CA ARG B 121 5.32 -17.44 6.32
C ARG B 121 4.16 -16.82 5.56
N ALA B 122 4.11 -15.50 5.53
CA ALA B 122 3.04 -14.83 4.82
C ALA B 122 3.14 -15.12 3.34
N VAL B 123 4.36 -15.12 2.80
CA VAL B 123 4.55 -15.42 1.39
C VAL B 123 4.10 -16.84 1.07
N LEU B 124 4.41 -17.78 1.96
CA LEU B 124 4.00 -19.18 1.78
C LEU B 124 2.49 -19.31 1.82
N ASP B 125 1.84 -18.55 2.67
CA ASP B 125 0.37 -18.55 2.76
C ASP B 125 -0.29 -18.18 1.43
N ILE B 126 0.31 -17.26 0.69
CA ILE B 126 -0.25 -16.84 -0.57
C ILE B 126 -0.38 -18.03 -1.50
N PHE B 127 0.68 -18.82 -1.56
CA PHE B 127 0.73 -19.91 -2.52
C PHE B 127 -0.02 -21.15 -2.02
N ASP B 128 -0.07 -21.30 -0.70
CA ASP B 128 -0.90 -22.32 -0.08
C ASP B 128 -2.37 -22.07 -0.42
N TYR B 129 -2.78 -20.81 -0.36
CA TYR B 129 -4.16 -20.46 -0.63
C TYR B 129 -4.52 -20.58 -2.12
N GLY B 130 -3.63 -20.09 -2.98
CA GLY B 130 -3.95 -19.85 -4.38
C GLY B 130 -3.81 -21.02 -5.34
N ASN B 131 -2.77 -21.82 -5.18
CA ASN B 131 -2.50 -22.92 -6.11
C ASN B 131 -3.67 -23.90 -6.32
N PRO B 132 -4.43 -24.26 -5.25
CA PRO B 132 -5.58 -25.13 -5.54
C PRO B 132 -6.55 -24.51 -6.54
N LYS B 133 -6.71 -23.19 -6.52
CA LYS B 133 -7.57 -22.54 -7.51
C LYS B 133 -6.99 -22.68 -8.92
N TYR B 134 -5.69 -22.50 -9.04
CA TYR B 134 -5.04 -22.70 -10.33
C TYR B 134 -5.06 -24.17 -10.75
N LEU B 135 -4.99 -25.08 -9.79
CA LEU B 135 -5.00 -26.51 -10.06
C LEU B 135 -6.33 -26.98 -10.69
N ILE B 136 -7.44 -26.56 -10.08
CA ILE B 136 -8.75 -26.87 -10.60
C ILE B 136 -8.97 -26.27 -11.97
N PHE B 137 -8.61 -24.99 -12.11
CA PHE B 137 -8.75 -24.31 -13.40
C PHE B 137 -7.91 -25.01 -14.47
N ALA B 138 -6.69 -25.44 -14.12
CA ALA B 138 -5.87 -26.18 -15.10
C ALA B 138 -6.54 -27.51 -15.51
N THR B 139 -7.19 -28.17 -14.57
CA THR B 139 -7.81 -29.45 -14.83
C THR B 139 -9.05 -29.29 -15.75
N ALA B 140 -9.84 -28.27 -15.52
CA ALA B 140 -10.94 -27.93 -16.42
C ALA B 140 -10.46 -27.63 -17.85
N ILE B 141 -9.38 -26.86 -18.01
CA ILE B 141 -8.86 -26.57 -19.35
C ILE B 141 -8.41 -27.86 -20.05
N LYS B 142 -7.63 -28.67 -19.35
CA LYS B 142 -7.13 -29.94 -19.88
C LYS B 142 -8.27 -30.88 -20.30
N GLU B 143 -9.12 -31.21 -19.33
CA GLU B 143 -10.23 -32.13 -19.54
C GLU B 143 -11.24 -31.62 -20.57
N GLY B 144 -11.37 -30.30 -20.67
CA GLY B 144 -12.27 -29.70 -21.65
C GLY B 144 -11.73 -29.99 -23.04
N LEU B 145 -10.43 -29.80 -23.21
CA LEU B 145 -9.82 -30.01 -24.51
C LEU B 145 -9.80 -31.48 -24.87
N LEU B 146 -9.36 -32.30 -23.92
CA LEU B 146 -9.21 -33.74 -24.14
C LEU B 146 -10.52 -34.46 -24.45
N SER B 147 -11.61 -34.03 -23.82
CA SER B 147 -12.83 -34.84 -23.77
C SER B 147 -14.02 -34.25 -24.49
N GLY B 148 -13.96 -32.96 -24.83
CA GLY B 148 -15.09 -32.31 -25.45
C GLY B 148 -16.30 -32.18 -24.55
N ARG B 149 -16.21 -32.67 -23.32
CA ARG B 149 -17.38 -32.78 -22.46
C ARG B 149 -17.79 -31.47 -21.83
N THR B 150 -19.03 -31.43 -21.35
CA THR B 150 -19.55 -30.29 -20.62
C THR B 150 -19.59 -30.67 -19.15
N PHE B 151 -18.93 -29.88 -18.30
CA PHE B 151 -18.75 -30.26 -16.90
C PHE B 151 -19.60 -29.41 -15.96
N GLY B 152 -20.30 -30.07 -15.06
CA GLY B 152 -21.03 -29.38 -14.02
C GLY B 152 -22.34 -28.88 -14.56
N GLY B 153 -22.94 -27.92 -13.87
CA GLY B 153 -24.23 -27.39 -14.27
C GLY B 153 -25.39 -27.90 -13.43
N ALA B 154 -25.18 -29.01 -12.74
CA ALA B 154 -26.19 -29.55 -11.82
C ALA B 154 -26.64 -28.48 -10.82
N ALA B 155 -27.95 -28.37 -10.61
CA ALA B 155 -28.50 -27.35 -9.70
C ALA B 155 -28.00 -27.55 -8.26
N GLY B 156 -28.33 -28.71 -7.69
CA GLY B 156 -27.85 -29.10 -6.37
C GLY B 156 -28.16 -28.14 -5.24
N ASP B 157 -27.28 -28.11 -4.25
CA ASP B 157 -27.42 -27.20 -3.12
C ASP B 157 -27.39 -25.75 -3.61
N ALA B 158 -28.45 -24.98 -3.36
CA ALA B 158 -28.51 -23.60 -3.81
C ALA B 158 -27.40 -22.75 -3.20
N ARG B 159 -26.92 -23.18 -2.04
CA ARG B 159 -25.87 -22.46 -1.30
C ARG B 159 -24.54 -22.50 -2.07
N CYS B 160 -24.36 -23.58 -2.84
CA CYS B 160 -23.21 -23.69 -3.72
C CYS B 160 -23.10 -22.54 -4.71
N HIS B 161 -24.22 -21.85 -4.97
CA HIS B 161 -24.22 -20.80 -6.00
C HIS B 161 -24.08 -19.41 -5.41
N PHE B 162 -23.91 -19.35 -4.09
CA PHE B 162 -23.71 -18.08 -3.40
C PHE B 162 -22.31 -17.55 -3.66
N PRO B 163 -22.13 -16.24 -3.49
CA PRO B 163 -20.77 -15.70 -3.65
C PRO B 163 -19.83 -16.27 -2.61
N ARG B 164 -18.59 -16.52 -3.03
CA ARG B 164 -17.57 -17.11 -2.19
C ARG B 164 -17.20 -16.23 -1.01
N SER B 165 -16.51 -16.80 -0.03
CA SER B 165 -15.92 -16.01 1.05
C SER B 165 -15.25 -14.77 0.46
N PRO B 166 -15.79 -13.58 0.78
CA PRO B 166 -15.60 -12.36 -0.02
C PRO B 166 -14.19 -11.77 -0.14
N ILE B 167 -13.43 -11.77 0.94
CA ILE B 167 -12.26 -10.89 1.12
C ILE B 167 -11.06 -11.32 0.26
N CYS B 168 -10.31 -10.32 -0.22
CA CYS B 168 -9.27 -10.54 -1.21
C CYS B 168 -7.89 -10.05 -0.77
N GLN B 169 -6.87 -10.42 -1.54
CA GLN B 169 -5.54 -9.81 -1.46
C GLN B 169 -4.95 -9.64 -2.86
N ILE B 170 -5.24 -8.52 -3.53
CA ILE B 170 -4.98 -8.42 -4.96
C ILE B 170 -3.68 -7.67 -5.29
N ASP B 171 -3.22 -6.83 -4.36
CA ASP B 171 -1.95 -6.12 -4.53
C ASP B 171 -1.10 -6.31 -3.29
N PRO B 172 0.23 -6.18 -3.43
CA PRO B 172 0.99 -6.11 -4.67
C PRO B 172 1.44 -7.49 -5.13
N ILE B 173 2.02 -7.56 -6.32
CA ILE B 173 2.52 -8.81 -6.86
C ILE B 173 3.67 -9.24 -5.98
N PRO B 174 3.72 -10.52 -5.57
CA PRO B 174 4.83 -10.99 -4.74
C PRO B 174 6.18 -10.67 -5.37
N VAL B 175 7.16 -10.34 -4.54
CA VAL B 175 8.51 -10.12 -5.05
C VAL B 175 9.05 -11.47 -5.51
N MET B 176 9.31 -11.58 -6.80
CA MET B 176 9.75 -12.85 -7.36
C MET B 176 11.08 -12.66 -8.06
N VAL B 177 12.06 -13.49 -7.73
CA VAL B 177 13.34 -13.35 -8.43
C VAL B 177 13.26 -14.14 -9.72
N GLU B 178 12.90 -13.46 -10.81
CA GLU B 178 12.74 -14.10 -12.12
C GLU B 178 14.05 -14.72 -12.57
N GLU B 179 13.99 -15.55 -13.59
CA GLU B 179 15.18 -16.28 -14.04
C GLU B 179 16.25 -15.35 -14.60
N HIS B 180 15.84 -14.27 -15.27
CA HIS B 180 16.85 -13.36 -15.82
C HIS B 180 17.41 -12.42 -14.74
N HIS B 181 16.82 -12.42 -13.55
CA HIS B 181 17.33 -11.66 -12.41
C HIS B 181 18.43 -12.43 -11.64
N ALA B 182 18.46 -13.75 -11.80
CA ALA B 182 19.20 -14.63 -10.88
C ALA B 182 20.73 -14.52 -10.96
N GLY B 183 21.39 -14.85 -9.85
CA GLY B 183 22.84 -14.95 -9.80
C GLY B 183 23.30 -16.30 -10.34
N GLY B 184 24.58 -16.59 -10.19
CA GLY B 184 25.12 -17.86 -10.63
C GLY B 184 24.54 -19.02 -9.83
N THR B 185 24.60 -18.90 -8.51
CA THR B 185 24.17 -19.97 -7.63
C THR B 185 22.65 -20.13 -7.56
N LEU B 186 21.91 -19.07 -7.89
CA LEU B 186 20.45 -19.21 -7.95
C LEU B 186 20.07 -19.95 -9.21
N SER B 187 20.82 -19.72 -10.29
CA SER B 187 20.55 -20.41 -11.55
C SER B 187 20.64 -21.91 -11.36
N GLN B 188 21.63 -22.32 -10.59
CA GLN B 188 21.89 -23.74 -10.37
C GLN B 188 20.90 -24.37 -9.38
N VAL B 189 20.49 -23.61 -8.37
CA VAL B 189 19.37 -23.99 -7.53
C VAL B 189 18.12 -24.08 -8.40
N TYR B 190 18.00 -23.16 -9.34
CA TYR B 190 16.87 -23.16 -10.24
C TYR B 190 16.92 -24.36 -11.19
N ALA B 191 18.13 -24.76 -11.58
CA ALA B 191 18.28 -25.93 -12.45
C ALA B 191 17.96 -27.22 -11.68
N ASP B 192 18.35 -27.25 -10.42
CA ASP B 192 18.13 -28.42 -9.57
C ASP B 192 16.65 -28.72 -9.47
N ILE B 193 15.87 -27.66 -9.25
CA ILE B 193 14.42 -27.77 -9.11
C ILE B 193 13.80 -28.22 -10.43
N LYS B 194 14.26 -27.65 -11.54
CA LYS B 194 13.77 -28.03 -12.86
C LYS B 194 14.00 -29.51 -13.08
N GLN B 195 15.18 -29.99 -12.72
CA GLN B 195 15.54 -31.38 -12.96
C GLN B 195 14.76 -32.31 -12.05
N THR B 196 14.67 -31.95 -10.77
CA THR B 196 14.02 -32.79 -9.77
C THR B 196 12.52 -32.82 -9.95
N LEU B 197 11.95 -31.71 -10.39
CA LEU B 197 10.50 -31.65 -10.57
C LEU B 197 10.08 -32.05 -12.00
N GLN B 198 11.08 -32.19 -12.88
CA GLN B 198 10.88 -32.53 -14.28
C GLN B 198 10.06 -31.43 -14.95
N LEU B 199 10.60 -30.21 -14.93
CA LEU B 199 9.92 -29.03 -15.48
C LEU B 199 10.90 -28.16 -16.23
N PRO B 200 10.40 -27.39 -17.22
CA PRO B 200 11.20 -26.44 -17.99
C PRO B 200 11.01 -24.98 -17.55
N PHE B 201 10.28 -24.78 -16.44
CA PHE B 201 10.00 -23.46 -15.89
C PHE B 201 10.17 -23.48 -14.36
N ILE B 202 10.39 -22.32 -13.75
CA ILE B 202 10.41 -22.19 -12.29
C ILE B 202 9.11 -21.59 -11.78
N ASN B 203 8.39 -22.34 -10.95
CA ASN B 203 7.12 -21.87 -10.40
C ASN B 203 7.25 -20.60 -9.57
N SER B 204 6.13 -19.89 -9.46
CA SER B 204 6.08 -18.60 -8.80
C SER B 204 6.49 -18.67 -7.33
N ASN B 205 6.05 -19.69 -6.61
CA ASN B 205 6.32 -19.72 -5.18
C ASN B 205 7.82 -19.83 -4.90
N TYR B 206 8.53 -20.69 -5.65
CA TYR B 206 9.97 -20.80 -5.49
C TYR B 206 10.63 -19.46 -5.83
N LYS B 207 10.13 -18.77 -6.85
CA LYS B 207 10.70 -17.46 -7.22
C LYS B 207 10.50 -16.43 -6.11
N ALA B 208 9.46 -16.64 -5.28
CA ALA B 208 9.19 -15.71 -4.19
C ALA B 208 10.06 -16.04 -2.98
N MET B 209 10.29 -17.33 -2.72
CA MET B 209 11.20 -17.72 -1.65
C MET B 209 12.63 -17.28 -1.98
N ALA B 210 12.94 -17.16 -3.27
CA ALA B 210 14.29 -16.83 -3.70
C ALA B 210 14.70 -15.41 -3.32
N ARG B 211 13.72 -14.63 -2.83
CA ARG B 211 13.97 -13.29 -2.32
C ARG B 211 14.90 -13.42 -1.11
N TRP B 212 14.76 -14.53 -0.42
CA TRP B 212 15.65 -15.01 0.62
C TRP B 212 16.40 -16.26 0.11
N PRO B 213 17.44 -16.06 -0.71
CA PRO B 213 18.17 -17.19 -1.30
C PRO B 213 18.60 -18.25 -0.29
N SER B 214 19.19 -17.84 0.84
CA SER B 214 19.68 -18.81 1.81
C SER B 214 18.52 -19.63 2.42
N TYR B 215 17.35 -19.02 2.51
CA TYR B 215 16.19 -19.74 3.01
C TYR B 215 15.64 -20.74 1.99
N LEU B 216 15.59 -20.35 0.72
CA LEU B 216 15.14 -21.26 -0.32
C LEU B 216 16.08 -22.45 -0.44
N GLU B 217 17.38 -22.19 -0.39
CA GLU B 217 18.37 -23.26 -0.42
C GLU B 217 18.07 -24.29 0.67
N GLN B 218 17.86 -23.77 1.88
CA GLN B 218 17.50 -24.60 3.01
C GLN B 218 16.16 -25.34 2.82
N ALA B 219 15.09 -24.60 2.54
CA ALA B 219 13.75 -25.19 2.44
C ALA B 219 13.63 -26.17 1.30
N TRP B 220 14.27 -25.88 0.16
CA TRP B 220 14.26 -26.81 -0.95
C TRP B 220 15.07 -28.06 -0.62
N GLY B 221 16.23 -27.85 -0.02
CA GLY B 221 17.11 -28.94 0.39
C GLY B 221 16.40 -29.94 1.28
N ALA B 222 15.49 -29.44 2.12
CA ALA B 222 14.71 -30.27 3.01
C ALA B 222 13.56 -30.99 2.32
N LEU B 223 13.05 -30.42 1.23
CA LEU B 223 11.91 -31.01 0.51
C LEU B 223 12.35 -32.08 -0.50
N LYS B 224 13.53 -31.87 -1.08
CA LYS B 224 14.03 -32.73 -2.15
C LYS B 224 13.99 -34.25 -1.89
N PRO B 225 14.40 -34.73 -0.70
CA PRO B 225 14.38 -36.19 -0.55
C PRO B 225 12.98 -36.76 -0.52
N CYS B 226 11.99 -35.95 -0.16
CA CYS B 226 10.62 -36.42 -0.06
C CYS B 226 9.95 -36.54 -1.43
N ILE B 227 10.48 -35.84 -2.42
CA ILE B 227 9.90 -35.88 -3.76
C ILE B 227 10.02 -37.29 -4.30
N ASP B 228 8.94 -37.77 -4.90
CA ASP B 228 8.91 -39.08 -5.55
C ASP B 228 9.27 -40.27 -4.60
N THR B 229 9.04 -40.09 -3.29
CA THR B 229 8.89 -41.22 -2.39
C THR B 229 7.48 -41.79 -2.61
N PRO B 230 7.24 -43.05 -2.20
CA PRO B 230 5.91 -43.62 -2.45
C PRO B 230 4.78 -42.84 -1.77
N ALA B 231 5.02 -42.31 -0.58
CA ALA B 231 3.99 -41.53 0.10
C ALA B 231 3.68 -40.23 -0.68
N TYR B 232 4.71 -39.64 -1.28
CA TYR B 232 4.55 -38.40 -2.05
C TYR B 232 3.71 -38.66 -3.30
N GLN B 233 4.21 -39.56 -4.14
CA GLN B 233 3.51 -40.02 -5.33
C GLN B 233 2.06 -40.36 -5.03
N ALA B 234 1.83 -41.16 -4.00
CA ALA B 234 0.48 -41.54 -3.61
C ALA B 234 -0.37 -40.32 -3.21
N GLY B 235 0.18 -39.48 -2.33
CA GLY B 235 -0.48 -38.23 -1.94
C GLY B 235 -0.82 -37.37 -3.17
N ARG B 236 0.06 -37.39 -4.17
CA ARG B 236 -0.07 -36.49 -5.32
C ARG B 236 -1.21 -36.93 -6.22
N PHE B 237 -1.35 -38.26 -6.33
CA PHE B 237 -2.45 -38.87 -7.05
C PHE B 237 -3.79 -38.46 -6.44
N ASP B 238 -3.88 -38.60 -5.12
CA ASP B 238 -5.07 -38.22 -4.36
C ASP B 238 -5.42 -36.74 -4.61
N ILE B 239 -4.42 -35.86 -4.58
CA ILE B 239 -4.66 -34.43 -4.82
C ILE B 239 -5.24 -34.25 -6.20
N ASN B 240 -4.62 -34.92 -7.16
CA ASN B 240 -5.08 -34.91 -8.52
C ASN B 240 -6.54 -35.32 -8.65
N ALA B 241 -6.92 -36.45 -8.05
CA ALA B 241 -8.27 -36.98 -8.21
C ALA B 241 -9.30 -36.04 -7.60
N ARG B 242 -8.90 -35.34 -6.55
CA ARG B 242 -9.81 -34.36 -5.95
C ARG B 242 -10.02 -33.17 -6.87
N ALA B 243 -9.03 -32.84 -7.70
CA ALA B 243 -9.19 -31.75 -8.67
C ALA B 243 -10.17 -32.15 -9.78
N LEU B 244 -10.08 -33.42 -10.22
CA LEU B 244 -11.01 -34.00 -11.19
C LEU B 244 -12.46 -34.02 -10.67
N ALA B 245 -12.62 -34.38 -9.40
CA ALA B 245 -13.94 -34.38 -8.75
C ALA B 245 -14.57 -32.98 -8.71
N ALA B 246 -13.76 -31.97 -8.39
CA ALA B 246 -14.24 -30.57 -8.33
C ALA B 246 -14.77 -30.14 -9.70
N LEU B 247 -14.12 -30.65 -10.74
CA LEU B 247 -14.49 -30.35 -12.11
C LEU B 247 -15.93 -30.76 -12.40
N ASP B 248 -16.34 -31.93 -11.92
CA ASP B 248 -17.69 -32.44 -12.20
C ASP B 248 -18.76 -31.72 -11.39
N ALA B 249 -18.41 -31.20 -10.23
CA ALA B 249 -19.39 -30.46 -9.43
C ALA B 249 -19.35 -28.94 -9.66
N LEU B 250 -18.81 -28.49 -10.80
CA LEU B 250 -18.81 -27.06 -11.06
C LEU B 250 -20.26 -26.56 -11.11
N PRO B 251 -20.55 -25.44 -10.44
CA PRO B 251 -21.89 -24.86 -10.32
C PRO B 251 -22.40 -24.24 -11.62
N THR B 252 -21.51 -23.64 -12.42
CA THR B 252 -21.88 -23.21 -13.76
C THR B 252 -21.20 -24.13 -14.73
N ALA B 253 -21.97 -24.67 -15.67
CA ALA B 253 -21.42 -25.58 -16.67
C ALA B 253 -20.26 -24.93 -17.43
N TYR B 254 -19.24 -25.74 -17.68
CA TYR B 254 -18.04 -25.33 -18.39
C TYR B 254 -17.78 -26.20 -19.60
N ARG B 255 -17.86 -25.62 -20.78
CA ARG B 255 -17.44 -26.36 -21.96
C ARG B 255 -16.43 -25.52 -22.71
N MET B 256 -15.27 -26.12 -23.01
CA MET B 256 -14.28 -25.50 -23.88
C MET B 256 -13.51 -26.58 -24.61
N SER B 257 -14.09 -27.04 -25.73
CA SER B 257 -13.57 -28.20 -26.44
C SER B 257 -12.58 -27.80 -27.53
N ARG B 258 -12.07 -28.82 -28.21
CA ARG B 258 -11.22 -28.62 -29.38
C ARG B 258 -11.89 -27.72 -30.43
N ASP B 259 -13.14 -28.02 -30.74
CA ASP B 259 -13.86 -27.18 -31.70
C ASP B 259 -13.99 -25.73 -31.18
N ASP B 260 -14.24 -25.57 -29.88
CA ASP B 260 -14.34 -24.24 -29.26
C ASP B 260 -13.03 -23.48 -29.37
N ALA B 261 -11.93 -24.21 -29.23
CA ALA B 261 -10.60 -23.62 -29.42
C ALA B 261 -10.50 -23.11 -30.86
N LEU B 262 -10.92 -23.94 -31.81
CA LEU B 262 -10.88 -23.58 -33.25
C LEU B 262 -11.75 -22.36 -33.51
N GLN B 263 -13.00 -22.39 -33.06
CA GLN B 263 -13.87 -21.21 -33.17
C GLN B 263 -13.30 -19.96 -32.54
N ALA B 264 -12.39 -20.12 -31.57
CA ALA B 264 -11.87 -18.97 -30.84
C ALA B 264 -10.79 -18.30 -31.66
N GLY B 265 -10.18 -19.05 -32.56
CA GLY B 265 -9.16 -18.50 -33.44
C GLY B 265 -7.87 -19.31 -33.40
N LEU B 266 -7.87 -20.37 -32.61
CA LEU B 266 -6.70 -21.23 -32.60
C LEU B 266 -6.68 -22.14 -33.82
N SER B 267 -5.48 -22.40 -34.34
CA SER B 267 -5.30 -23.37 -35.41
C SER B 267 -5.35 -24.79 -34.85
N GLU B 268 -5.31 -25.77 -35.74
CA GLU B 268 -5.18 -27.15 -35.31
C GLU B 268 -3.88 -27.38 -34.55
N ALA B 269 -2.76 -27.01 -35.16
CA ALA B 269 -1.44 -27.22 -34.56
C ALA B 269 -1.31 -26.53 -33.20
N GLN B 270 -1.80 -25.29 -33.11
CA GLN B 270 -1.82 -24.55 -31.85
C GLN B 270 -2.62 -25.34 -30.80
N THR B 271 -3.75 -25.91 -31.21
CA THR B 271 -4.58 -26.64 -30.26
C THR B 271 -3.84 -27.90 -29.79
N ASP B 272 -3.20 -28.59 -30.72
CA ASP B 272 -2.28 -29.67 -30.36
C ASP B 272 -1.24 -29.17 -29.35
N GLU B 273 -0.65 -28.00 -29.60
CA GLU B 273 0.40 -27.49 -28.75
C GLU B 273 -0.12 -27.16 -27.34
N LEU B 274 -1.21 -26.42 -27.30
CA LEU B 274 -1.88 -26.04 -26.07
C LEU B 274 -2.13 -27.25 -25.17
N ILE B 275 -2.66 -28.32 -25.78
CA ILE B 275 -3.00 -29.54 -25.07
C ILE B 275 -1.81 -30.14 -24.33
N GLN B 276 -0.67 -30.23 -24.99
CA GLN B 276 0.55 -30.67 -24.30
C GLN B 276 0.91 -29.70 -23.17
N VAL B 277 0.83 -28.41 -23.44
CA VAL B 277 1.21 -27.41 -22.44
C VAL B 277 0.33 -27.52 -21.19
N ILE B 278 -0.98 -27.38 -21.36
CA ILE B 278 -1.90 -27.49 -20.24
C ILE B 278 -1.74 -28.83 -19.52
N SER B 279 -1.40 -29.89 -20.26
CA SER B 279 -1.28 -31.20 -19.63
C SER B 279 -0.09 -31.23 -18.69
N LEU B 280 1.02 -30.60 -19.11
CA LEU B 280 2.20 -30.59 -18.27
C LEU B 280 1.98 -29.76 -17.02
N PHE B 281 1.26 -28.65 -17.16
CA PHE B 281 1.02 -27.75 -16.03
C PHE B 281 0.04 -28.37 -15.03
N GLN B 282 -1.01 -28.98 -15.55
CA GLN B 282 -1.98 -29.67 -14.74
C GLN B 282 -1.29 -30.73 -13.87
N TRP B 283 -0.38 -31.48 -14.50
CA TRP B 283 0.38 -32.50 -13.79
C TRP B 283 1.29 -31.92 -12.72
N MET B 284 1.98 -30.82 -13.07
CA MET B 284 2.89 -30.15 -12.15
C MET B 284 2.17 -29.65 -10.91
N LEU B 285 0.96 -29.14 -11.11
CA LEU B 285 0.23 -28.44 -10.06
C LEU B 285 -0.08 -29.29 -8.80
N SER B 286 -0.34 -30.59 -8.96
CA SER B 286 -0.67 -31.40 -7.81
C SER B 286 0.56 -31.56 -6.92
N GLY B 287 1.72 -31.71 -7.54
CA GLY B 287 2.97 -31.78 -6.82
C GLY B 287 3.31 -30.46 -6.13
N LEU B 288 3.07 -29.36 -6.85
CA LEU B 288 3.33 -28.03 -6.32
C LEU B 288 2.51 -27.77 -5.06
N VAL B 289 1.29 -28.28 -5.01
CA VAL B 289 0.49 -28.14 -3.78
C VAL B 289 1.16 -28.88 -2.60
N LEU B 290 1.57 -30.12 -2.83
CA LEU B 290 2.32 -30.87 -1.82
C LEU B 290 3.56 -30.08 -1.34
N ASN B 291 4.31 -29.54 -2.29
CA ASN B 291 5.57 -28.90 -2.01
C ASN B 291 5.41 -27.69 -1.09
N VAL B 292 4.43 -26.85 -1.40
CA VAL B 292 4.16 -25.65 -0.62
C VAL B 292 3.67 -26.03 0.77
N THR B 293 2.84 -27.07 0.82
CA THR B 293 2.37 -27.60 2.10
C THR B 293 3.56 -28.02 2.99
N HIS B 294 4.52 -28.71 2.38
CA HIS B 294 5.74 -29.11 3.07
C HIS B 294 6.55 -27.91 3.59
N PHE B 295 6.78 -26.91 2.73
CA PHE B 295 7.47 -25.69 3.14
C PHE B 295 6.78 -25.07 4.33
N LYS B 296 5.46 -24.91 4.22
CA LYS B 296 4.68 -24.29 5.27
C LYS B 296 4.76 -25.09 6.57
N GLN B 297 4.79 -26.42 6.45
CA GLN B 297 4.90 -27.23 7.66
C GLN B 297 6.29 -27.11 8.29
N GLN B 298 7.35 -27.07 7.49
CA GLN B 298 8.69 -26.82 8.02
C GLN B 298 8.75 -25.54 8.87
N ALA B 299 8.00 -24.53 8.46
CA ALA B 299 8.15 -23.19 9.01
C ALA B 299 7.18 -22.89 10.15
N LEU B 300 6.40 -23.89 10.56
CA LEU B 300 5.47 -23.71 11.68
C LEU B 300 6.19 -23.60 13.03
N HIS C 9 -43.28 -16.97 18.01
CA HIS C 9 -42.52 -15.76 18.39
C HIS C 9 -41.07 -16.11 18.74
N LEU C 10 -40.23 -16.38 17.73
CA LEU C 10 -38.82 -16.66 18.02
C LEU C 10 -38.09 -15.38 18.47
N GLN C 11 -37.41 -15.53 19.61
CA GLN C 11 -37.04 -14.41 20.45
C GLN C 11 -35.61 -13.90 20.27
N LEU C 12 -35.29 -12.84 21.01
CA LEU C 12 -33.93 -12.34 21.26
C LEU C 12 -34.08 -11.02 22.02
N PRO C 13 -33.92 -11.10 23.36
CA PRO C 13 -34.05 -9.98 24.31
C PRO C 13 -32.97 -8.91 24.19
N ARG C 14 -33.38 -7.68 23.91
CA ARG C 14 -32.46 -6.56 24.02
C ARG C 14 -32.16 -6.40 25.52
N PRO C 15 -30.88 -6.32 25.88
CA PRO C 15 -30.42 -6.51 27.27
C PRO C 15 -30.75 -5.40 28.29
N VAL C 16 -30.59 -5.75 29.56
CA VAL C 16 -30.68 -4.80 30.68
C VAL C 16 -29.33 -4.09 30.83
N CYS C 17 -29.21 -2.90 30.23
CA CYS C 17 -27.94 -2.17 30.24
C CYS C 17 -27.98 -0.76 29.62
N GLU C 18 -27.23 0.14 30.25
CA GLU C 18 -26.77 1.39 29.64
C GLU C 18 -25.58 1.83 30.52
N ALA C 19 -24.97 0.82 31.15
CA ALA C 19 -23.67 0.99 31.75
C ALA C 19 -22.73 1.54 30.69
N ILE C 20 -21.83 2.43 31.10
CA ILE C 20 -21.07 3.22 30.14
C ILE C 20 -20.24 2.36 29.17
N ILE C 21 -20.30 2.73 27.89
CA ILE C 21 -19.44 2.13 26.88
C ILE C 21 -18.28 3.06 26.54
N ARG C 22 -17.07 2.58 26.76
CA ARG C 22 -15.88 3.41 26.65
C ARG C 22 -14.89 2.83 25.64
N PRO C 23 -15.30 2.73 24.37
CA PRO C 23 -14.49 2.06 23.36
C PRO C 23 -13.19 2.81 23.10
N VAL C 24 -12.07 2.10 23.01
CA VAL C 24 -10.80 2.74 22.68
C VAL C 24 -10.49 2.55 21.20
N PRO C 25 -10.67 3.61 20.40
CA PRO C 25 -10.49 3.54 18.94
C PRO C 25 -9.03 3.29 18.56
N GLU C 26 -8.78 2.74 17.38
CA GLU C 26 -7.42 2.43 16.95
C GLU C 26 -6.51 3.66 16.82
N HIS C 27 -7.09 4.83 16.55
CA HIS C 27 -6.29 6.04 16.40
C HIS C 27 -5.95 6.68 17.76
N ARG C 28 -6.34 6.04 18.88
CA ARG C 28 -5.97 6.50 20.22
C ARG C 28 -5.27 5.43 21.05
N ALA C 29 -5.17 4.22 20.50
CA ALA C 29 -4.61 3.09 21.23
C ALA C 29 -3.12 3.29 21.50
N ASP C 30 -2.68 3.09 22.75
CA ASP C 30 -1.24 3.14 23.05
C ASP C 30 -0.60 1.90 22.43
N GLN C 31 0.72 1.79 22.48
CA GLN C 31 1.38 0.72 21.71
C GLN C 31 1.31 -0.65 22.40
N GLU C 32 0.89 -0.69 23.66
CA GLU C 32 0.61 -1.97 24.27
C GLU C 32 -0.69 -2.50 23.67
N LEU C 33 -1.71 -1.65 23.67
CA LEU C 33 -3.03 -2.02 23.18
C LEU C 33 -2.97 -2.26 21.68
N SER C 34 -2.25 -1.39 20.99
CA SER C 34 -2.12 -1.50 19.54
C SER C 34 -1.53 -2.84 19.14
N GLU C 35 -0.70 -3.40 20.01
CA GLU C 35 -0.08 -4.70 19.80
C GLU C 35 -1.12 -5.81 19.87
N ILE C 36 -2.02 -5.70 20.85
CA ILE C 36 -3.11 -6.68 20.94
C ILE C 36 -4.06 -6.49 19.75
N TYR C 37 -4.35 -5.22 19.43
CA TYR C 37 -5.17 -4.89 18.26
C TYR C 37 -4.56 -5.50 16.99
N ARG C 38 -3.25 -5.35 16.79
CA ARG C 38 -2.60 -5.91 15.60
C ARG C 38 -2.79 -7.43 15.53
N ASP C 39 -2.59 -8.11 16.65
CA ASP C 39 -2.71 -9.56 16.71
C ASP C 39 -4.15 -10.04 16.44
N LEU C 40 -5.12 -9.32 16.99
CA LEU C 40 -6.52 -9.59 16.73
C LEU C 40 -6.82 -9.49 15.23
N LYS C 41 -6.39 -8.39 14.62
CA LYS C 41 -6.61 -8.17 13.19
C LYS C 41 -5.95 -9.26 12.37
N ALA C 42 -4.71 -9.55 12.73
CA ALA C 42 -3.89 -10.53 12.04
C ALA C 42 -4.53 -11.91 12.15
N THR C 43 -5.07 -12.23 13.33
CA THR C 43 -5.72 -13.53 13.56
C THR C 43 -7.06 -13.62 12.85
N PHE C 44 -7.91 -12.61 13.02
CA PHE C 44 -9.19 -12.60 12.31
C PHE C 44 -9.03 -12.40 10.79
N GLY C 45 -7.97 -11.73 10.37
CA GLY C 45 -7.74 -11.47 8.94
C GLY C 45 -8.54 -10.29 8.46
N VAL C 46 -8.79 -9.35 9.35
CA VAL C 46 -9.58 -8.17 9.02
C VAL C 46 -8.77 -6.88 9.27
N PRO C 47 -9.12 -5.81 8.54
CA PRO C 47 -8.37 -4.53 8.62
C PRO C 47 -8.86 -3.56 9.68
N TRP C 48 -9.84 -3.96 10.47
CA TRP C 48 -10.47 -3.10 11.46
C TRP C 48 -10.60 -3.79 12.82
N VAL C 49 -10.46 -3.03 13.89
CA VAL C 49 -10.80 -3.49 15.21
C VAL C 49 -12.26 -3.14 15.48
N GLY C 50 -13.07 -4.15 15.73
CA GLY C 50 -14.50 -3.95 15.93
C GLY C 50 -14.79 -3.13 17.16
N VAL C 51 -15.91 -2.42 17.13
CA VAL C 51 -16.31 -1.61 18.28
C VAL C 51 -16.54 -2.49 19.52
N ILE C 52 -16.95 -3.74 19.31
CA ILE C 52 -17.11 -4.61 20.47
C ILE C 52 -15.79 -4.76 21.18
N THR C 53 -14.75 -5.11 20.43
CA THR C 53 -13.43 -5.27 21.01
C THR C 53 -12.84 -3.94 21.56
N GLN C 54 -13.13 -2.82 20.90
CA GLN C 54 -12.69 -1.51 21.41
C GLN C 54 -13.22 -1.30 22.83
N ALA C 55 -14.47 -1.69 23.06
CA ALA C 55 -15.16 -1.44 24.33
C ALA C 55 -14.74 -2.43 25.43
N VAL C 56 -14.48 -3.68 25.03
CA VAL C 56 -13.96 -4.65 25.97
C VAL C 56 -12.53 -4.29 26.41
N ALA C 57 -11.76 -3.66 25.51
CA ALA C 57 -10.38 -3.30 25.76
C ALA C 57 -10.26 -2.32 26.91
N TYR C 58 -11.31 -1.52 27.14
CA TYR C 58 -11.36 -0.66 28.33
C TYR C 58 -11.08 -1.50 29.58
N TYR C 59 -11.63 -2.71 29.61
CA TYR C 59 -11.28 -3.64 30.68
C TYR C 59 -10.04 -4.43 30.27
N ARG C 60 -8.95 -3.70 30.05
CA ARG C 60 -7.77 -4.24 29.39
C ARG C 60 -7.21 -5.54 29.97
N PRO C 61 -7.13 -5.67 31.30
CA PRO C 61 -6.60 -6.95 31.81
C PRO C 61 -7.48 -8.14 31.45
N PHE C 62 -8.79 -7.93 31.39
CA PHE C 62 -9.68 -9.03 31.02
C PHE C 62 -9.54 -9.27 29.51
N PHE C 63 -9.39 -8.19 28.76
CA PHE C 63 -9.37 -8.26 27.29
C PHE C 63 -8.17 -9.06 26.77
N ALA C 64 -6.97 -8.70 27.21
CA ALA C 64 -5.75 -9.43 26.89
C ALA C 64 -5.83 -10.92 27.21
N GLU C 65 -6.59 -11.26 28.25
CA GLU C 65 -6.61 -12.62 28.73
C GLU C 65 -7.69 -13.42 28.01
N ALA C 66 -8.88 -12.83 27.95
CA ALA C 66 -9.97 -13.34 27.14
C ALA C 66 -9.48 -13.65 25.75
N TRP C 67 -8.74 -12.71 25.16
CA TRP C 67 -8.26 -12.89 23.79
C TRP C 67 -7.21 -13.99 23.71
N ARG C 68 -6.35 -14.08 24.73
CA ARG C 68 -5.30 -15.09 24.77
C ARG C 68 -5.90 -16.51 24.71
N ARG C 69 -7.05 -16.71 25.36
CA ARG C 69 -7.68 -18.02 25.47
C ARG C 69 -8.54 -18.36 24.24
N PHE C 70 -8.90 -17.34 23.45
CA PHE C 70 -9.78 -17.51 22.30
C PHE C 70 -9.02 -17.59 20.97
N ALA C 71 -7.89 -16.88 20.93
CA ALA C 71 -7.00 -16.89 19.77
C ALA C 71 -6.68 -18.28 19.21
N PRO C 72 -6.30 -19.25 20.06
CA PRO C 72 -6.00 -20.57 19.48
C PRO C 72 -7.17 -21.15 18.69
N SER C 73 -8.39 -20.91 19.15
CA SER C 73 -9.58 -21.29 18.42
C SER C 73 -9.73 -20.48 17.13
N ALA C 74 -9.44 -19.18 17.20
CA ALA C 74 -9.70 -18.29 16.07
C ALA C 74 -8.75 -18.54 14.91
N LYS C 75 -7.63 -19.21 15.18
CA LYS C 75 -6.70 -19.60 14.13
C LYS C 75 -7.08 -20.90 13.41
N THR C 76 -8.25 -21.47 13.72
CA THR C 76 -8.56 -22.79 13.19
C THR C 76 -9.47 -22.80 11.97
N HIS C 77 -9.21 -23.77 11.11
CA HIS C 77 -10.10 -24.14 10.01
C HIS C 77 -11.55 -24.17 10.49
N PHE C 78 -11.78 -24.74 11.68
CA PHE C 78 -13.11 -24.73 12.30
C PHE C 78 -13.71 -23.32 12.33
N PHE C 79 -12.91 -22.37 12.79
CA PHE C 79 -13.44 -21.07 13.12
C PHE C 79 -13.74 -20.28 11.84
N GLU C 80 -12.86 -20.44 10.85
CA GLU C 80 -13.07 -19.89 9.51
C GLU C 80 -14.36 -20.40 8.90
N ARG C 81 -14.60 -21.70 9.04
CA ARG C 81 -15.79 -22.32 8.45
C ARG C 81 -17.04 -21.94 9.20
N ALA C 82 -16.93 -21.78 10.51
CA ALA C 82 -18.11 -21.54 11.31
C ALA C 82 -18.52 -20.09 11.15
N SER C 83 -17.53 -19.24 10.92
CA SER C 83 -17.79 -17.85 10.67
C SER C 83 -18.38 -17.73 9.30
N ASP C 84 -17.72 -18.35 8.33
CA ASP C 84 -18.21 -18.35 6.96
C ASP C 84 -19.67 -18.85 6.91
N ASP C 85 -19.95 -19.97 7.59
CA ASP C 85 -21.32 -20.52 7.58
C ASP C 85 -22.36 -19.56 8.15
N ILE C 86 -21.95 -18.61 8.98
CA ILE C 86 -22.91 -17.62 9.44
C ILE C 86 -23.15 -16.56 8.36
N ARG C 87 -22.09 -16.23 7.62
CA ARG C 87 -22.23 -15.34 6.46
C ARG C 87 -23.20 -15.98 5.45
N ILE C 88 -22.94 -17.23 5.07
CA ILE C 88 -23.84 -17.97 4.18
C ILE C 88 -25.28 -17.94 4.72
N ARG C 89 -25.47 -18.29 5.99
CA ARG C 89 -26.83 -18.33 6.56
C ARG C 89 -27.54 -16.99 6.50
N SER C 90 -26.82 -15.92 6.79
CA SER C 90 -27.39 -14.58 6.72
C SER C 90 -27.85 -14.29 5.29
N TRP C 91 -27.04 -14.71 4.32
CA TRP C 91 -27.33 -14.54 2.90
C TRP C 91 -28.60 -15.29 2.52
N GLU C 92 -28.69 -16.53 2.99
CA GLU C 92 -29.84 -17.42 2.78
C GLU C 92 -31.14 -16.81 3.32
N LEU C 93 -31.14 -16.40 4.59
CA LEU C 93 -32.32 -15.85 5.25
C LEU C 93 -32.83 -14.57 4.61
N MET C 94 -31.92 -13.64 4.32
CA MET C 94 -32.31 -12.31 3.87
C MET C 94 -32.83 -12.35 2.44
N GLY C 95 -32.39 -13.34 1.68
CA GLY C 95 -32.87 -13.51 0.32
C GLY C 95 -34.28 -14.07 0.30
N GLN C 96 -34.54 -15.03 1.19
CA GLN C 96 -35.82 -15.71 1.25
C GLN C 96 -36.91 -14.84 1.89
N SER C 97 -36.55 -14.07 2.90
CA SER C 97 -37.53 -13.35 3.71
C SER C 97 -37.89 -11.97 3.15
N PHE C 98 -37.00 -11.40 2.36
CA PHE C 98 -37.20 -10.04 1.87
C PHE C 98 -37.00 -9.96 0.37
N VAL C 99 -37.75 -9.07 -0.26
CA VAL C 99 -37.54 -8.76 -1.66
C VAL C 99 -36.65 -7.54 -1.70
N ILE C 100 -35.38 -7.77 -1.98
CA ILE C 100 -34.41 -6.71 -1.89
C ILE C 100 -34.13 -6.13 -3.26
N GLU C 101 -34.70 -4.96 -3.51
CA GLU C 101 -34.49 -4.22 -4.75
C GLU C 101 -33.00 -3.88 -4.94
N GLY C 102 -32.48 -4.14 -6.13
CA GLY C 102 -31.14 -3.72 -6.48
C GLY C 102 -31.04 -2.21 -6.57
N GLN C 103 -29.87 -1.65 -6.27
CA GLN C 103 -29.73 -0.20 -6.14
C GLN C 103 -28.69 0.39 -7.09
N THR C 104 -27.98 -0.48 -7.79
CA THR C 104 -26.92 -0.06 -8.71
C THR C 104 -27.39 0.98 -9.75
N ASP C 105 -28.54 0.73 -10.38
CA ASP C 105 -29.03 1.68 -11.39
C ASP C 105 -29.32 3.05 -10.81
N ARG C 106 -29.93 3.10 -9.63
CA ARG C 106 -30.20 4.36 -8.95
C ARG C 106 -28.90 5.08 -8.59
N LEU C 107 -27.88 4.32 -8.18
CA LEU C 107 -26.60 4.92 -7.82
C LEU C 107 -25.89 5.46 -9.06
N ARG C 108 -26.01 4.73 -10.16
CA ARG C 108 -25.42 5.17 -11.42
C ARG C 108 -26.02 6.49 -11.86
N GLU C 109 -27.33 6.62 -11.68
CA GLU C 109 -28.03 7.83 -12.08
C GLU C 109 -27.90 8.94 -11.05
N MET C 110 -27.35 8.60 -9.88
CA MET C 110 -27.00 9.61 -8.88
C MET C 110 -25.60 10.15 -9.16
N GLY C 111 -24.91 9.57 -10.14
CA GLY C 111 -23.63 10.07 -10.57
C GLY C 111 -22.48 9.11 -10.32
N TYR C 112 -22.76 8.03 -9.61
CA TYR C 112 -21.75 7.03 -9.21
C TYR C 112 -21.27 6.18 -10.36
N SER C 113 -19.98 6.22 -10.63
CA SER C 113 -19.37 5.36 -11.64
C SER C 113 -19.29 3.87 -11.25
N VAL C 114 -19.01 3.04 -12.25
CA VAL C 114 -18.82 1.61 -12.05
C VAL C 114 -17.67 1.31 -11.07
N ARG C 115 -16.56 2.05 -11.18
CA ARG C 115 -15.45 1.87 -10.24
C ARG C 115 -15.88 2.22 -8.82
N GLU C 116 -16.51 3.38 -8.65
CA GLU C 116 -16.97 3.82 -7.33
C GLU C 116 -17.91 2.79 -6.70
N ILE C 117 -18.79 2.23 -7.52
CA ILE C 117 -19.70 1.20 -7.07
C ILE C 117 -18.90 -0.03 -6.65
N GLY C 118 -17.85 -0.33 -7.41
CA GLY C 118 -16.88 -1.34 -7.07
C GLY C 118 -16.20 -1.11 -5.74
N GLN C 119 -15.86 0.14 -5.44
CA GLN C 119 -15.24 0.45 -4.15
C GLN C 119 -16.25 0.25 -3.04
N ILE C 120 -17.50 0.65 -3.28
CA ILE C 120 -18.54 0.49 -2.26
C ILE C 120 -18.72 -0.99 -1.94
N ARG C 121 -18.82 -1.83 -2.96
CA ARG C 121 -18.95 -3.27 -2.76
C ARG C 121 -17.80 -3.88 -1.97
N ALA C 122 -16.58 -3.38 -2.22
CA ALA C 122 -15.38 -3.90 -1.57
C ALA C 122 -15.39 -3.64 -0.08
N VAL C 123 -15.92 -2.47 0.29
CA VAL C 123 -16.03 -2.09 1.68
C VAL C 123 -17.06 -2.98 2.38
N LEU C 124 -18.20 -3.21 1.72
CA LEU C 124 -19.22 -4.09 2.29
C LEU C 124 -18.67 -5.48 2.54
N ASP C 125 -17.86 -5.98 1.62
CA ASP C 125 -17.25 -7.31 1.75
C ASP C 125 -16.40 -7.47 3.03
N ILE C 126 -15.73 -6.40 3.46
CA ILE C 126 -14.88 -6.48 4.65
C ILE C 126 -15.70 -6.82 5.88
N PHE C 127 -16.83 -6.16 6.03
CA PHE C 127 -17.71 -6.41 7.18
C PHE C 127 -18.56 -7.69 7.06
N ASP C 128 -18.94 -8.05 5.83
CA ASP C 128 -19.66 -9.30 5.57
C ASP C 128 -18.77 -10.48 5.94
N TYR C 129 -17.47 -10.29 5.76
CA TYR C 129 -16.53 -11.34 6.13
C TYR C 129 -16.25 -11.32 7.63
N GLY C 130 -15.89 -10.14 8.13
CA GLY C 130 -15.41 -9.97 9.50
C GLY C 130 -16.44 -10.14 10.60
N ASN C 131 -17.60 -9.48 10.48
CA ASN C 131 -18.58 -9.42 11.55
C ASN C 131 -18.95 -10.76 12.23
N PRO C 132 -19.14 -11.86 11.43
CA PRO C 132 -19.42 -13.15 12.08
C PRO C 132 -18.36 -13.54 13.12
N LYS C 133 -17.11 -13.20 12.82
CA LYS C 133 -16.01 -13.58 13.67
C LYS C 133 -16.11 -12.82 14.98
N TYR C 134 -16.50 -11.55 14.90
CA TYR C 134 -16.72 -10.71 16.08
C TYR C 134 -17.98 -11.16 16.83
N LEU C 135 -18.94 -11.69 16.09
CA LEU C 135 -20.14 -12.23 16.71
C LEU C 135 -19.81 -13.43 17.58
N ILE C 136 -18.94 -14.30 17.06
CA ILE C 136 -18.65 -15.54 17.74
C ILE C 136 -17.80 -15.21 18.94
N PHE C 137 -16.92 -14.22 18.79
CA PHE C 137 -16.07 -13.78 19.88
C PHE C 137 -16.90 -13.14 20.98
N ALA C 138 -17.84 -12.29 20.59
CA ALA C 138 -18.77 -11.65 21.51
C ALA C 138 -19.51 -12.66 22.35
N THR C 139 -19.90 -13.76 21.70
CA THR C 139 -20.70 -14.82 22.33
C THR C 139 -19.88 -15.60 23.38
N ALA C 140 -18.66 -15.98 23.05
CA ALA C 140 -17.78 -16.62 24.02
C ALA C 140 -17.55 -15.75 25.27
N ILE C 141 -17.24 -14.47 25.07
CA ILE C 141 -17.06 -13.55 26.20
C ILE C 141 -18.31 -13.50 27.08
N LYS C 142 -19.47 -13.29 26.47
CA LYS C 142 -20.71 -13.19 27.24
C LYS C 142 -21.06 -14.51 27.96
N GLU C 143 -21.00 -15.63 27.24
CA GLU C 143 -21.44 -16.91 27.80
C GLU C 143 -20.44 -17.43 28.81
N GLY C 144 -19.19 -17.04 28.65
CA GLY C 144 -18.14 -17.45 29.56
C GLY C 144 -18.29 -16.79 30.91
N LEU C 145 -18.64 -15.51 30.90
CA LEU C 145 -18.81 -14.75 32.14
C LEU C 145 -20.09 -15.11 32.86
N LEU C 146 -21.18 -15.16 32.10
CA LEU C 146 -22.48 -15.47 32.65
C LEU C 146 -22.62 -16.90 33.19
N SER C 147 -21.89 -17.86 32.62
CA SER C 147 -22.22 -19.25 32.89
C SER C 147 -21.13 -19.99 33.67
N GLY C 148 -19.90 -19.53 33.54
CA GLY C 148 -18.80 -20.13 34.27
C GLY C 148 -18.25 -21.35 33.57
N ARG C 149 -18.86 -21.69 32.44
CA ARG C 149 -18.59 -22.98 31.81
C ARG C 149 -17.38 -23.03 30.88
N THR C 150 -16.79 -24.21 30.75
CA THR C 150 -15.70 -24.44 29.80
C THR C 150 -16.26 -24.92 28.45
N PHE C 151 -16.12 -24.08 27.43
CA PHE C 151 -16.66 -24.39 26.10
C PHE C 151 -15.60 -24.94 25.15
N GLY C 152 -15.90 -26.07 24.52
CA GLY C 152 -15.03 -26.64 23.50
C GLY C 152 -13.86 -27.49 24.00
N GLY C 153 -12.90 -27.75 23.12
CA GLY C 153 -11.74 -28.55 23.49
C GLY C 153 -11.78 -30.01 23.01
N ALA C 154 -12.88 -30.41 22.37
CA ALA C 154 -13.02 -31.77 21.85
C ALA C 154 -12.01 -32.01 20.74
N ALA C 155 -11.42 -33.21 20.69
CA ALA C 155 -10.49 -33.51 19.60
C ALA C 155 -11.27 -33.69 18.29
N GLY C 156 -12.36 -34.45 18.36
CA GLY C 156 -13.32 -34.59 17.26
C GLY C 156 -12.66 -34.91 15.93
N ASP C 157 -13.14 -34.26 14.88
CA ASP C 157 -12.49 -34.32 13.58
C ASP C 157 -11.19 -33.52 13.70
N ALA C 158 -10.05 -34.17 13.45
CA ALA C 158 -8.75 -33.49 13.56
C ALA C 158 -8.56 -32.35 12.54
N ARG C 159 -9.34 -32.31 11.46
CA ARG C 159 -9.17 -31.26 10.46
C ARG C 159 -9.67 -29.93 11.00
N CYS C 160 -10.50 -30.00 12.02
CA CYS C 160 -11.04 -28.80 12.64
C CYS C 160 -9.95 -28.01 13.38
N HIS C 161 -8.81 -28.64 13.66
CA HIS C 161 -7.73 -28.00 14.40
C HIS C 161 -6.66 -27.45 13.47
N PHE C 162 -6.77 -27.74 12.17
CA PHE C 162 -5.82 -27.25 11.17
C PHE C 162 -5.81 -25.72 11.12
N PRO C 163 -4.75 -25.14 10.56
CA PRO C 163 -4.73 -23.68 10.33
C PRO C 163 -5.82 -23.22 9.38
N ARG C 164 -6.41 -22.05 9.65
CA ARG C 164 -7.52 -21.57 8.85
C ARG C 164 -7.07 -21.13 7.46
N SER C 165 -8.01 -21.04 6.53
CA SER C 165 -7.72 -20.60 5.17
C SER C 165 -6.90 -19.31 5.24
N PRO C 166 -5.66 -19.37 4.74
CA PRO C 166 -4.67 -18.32 4.98
C PRO C 166 -4.55 -17.33 3.85
N ILE C 167 -4.85 -16.07 4.17
CA ILE C 167 -4.59 -14.84 3.41
C ILE C 167 -5.57 -13.86 4.00
N CYS C 168 -5.12 -12.61 4.17
CA CYS C 168 -5.90 -11.66 4.94
C CYS C 168 -6.21 -10.42 4.15
N GLN C 169 -6.50 -9.36 4.90
CA GLN C 169 -6.37 -7.97 4.48
C GLN C 169 -6.31 -7.18 5.76
N ILE C 170 -5.15 -6.66 6.11
CA ILE C 170 -4.98 -6.09 7.45
C ILE C 170 -4.71 -4.60 7.36
N ASP C 171 -4.12 -4.19 6.25
CA ASP C 171 -3.91 -2.77 6.00
C ASP C 171 -4.57 -2.39 4.69
N PRO C 172 -5.12 -1.17 4.62
CA PRO C 172 -5.19 -0.22 5.72
C PRO C 172 -6.48 -0.32 6.51
N ILE C 173 -6.55 0.36 7.65
CA ILE C 173 -7.81 0.53 8.34
C ILE C 173 -8.77 1.18 7.34
N PRO C 174 -9.99 0.64 7.22
CA PRO C 174 -10.97 1.25 6.29
C PRO C 174 -11.25 2.71 6.68
N VAL C 175 -11.55 3.57 5.70
CA VAL C 175 -11.92 4.96 5.97
C VAL C 175 -13.28 5.03 6.66
N MET C 176 -13.30 5.54 7.89
CA MET C 176 -14.52 5.60 8.66
C MET C 176 -14.76 7.02 9.12
N VAL C 177 -15.98 7.50 8.91
CA VAL C 177 -16.33 8.85 9.31
C VAL C 177 -16.86 8.76 10.74
N GLU C 178 -15.95 8.97 11.70
CA GLU C 178 -16.25 8.91 13.12
C GLU C 178 -17.33 9.94 13.45
N GLU C 179 -17.98 9.75 14.58
CA GLU C 179 -19.05 10.65 15.00
C GLU C 179 -18.59 12.12 15.10
N HIS C 180 -17.33 12.35 15.47
CA HIS C 180 -16.85 13.73 15.59
C HIS C 180 -16.33 14.25 14.25
N HIS C 181 -16.28 13.37 13.26
CA HIS C 181 -15.96 13.81 11.90
C HIS C 181 -17.21 14.44 11.27
N ALA C 182 -18.38 13.99 11.73
CA ALA C 182 -19.66 14.23 11.06
C ALA C 182 -20.09 15.69 10.90
N GLY C 183 -20.66 15.99 9.72
CA GLY C 183 -21.19 17.32 9.46
C GLY C 183 -22.61 17.46 9.96
N GLY C 184 -23.36 18.39 9.38
CA GLY C 184 -24.72 18.64 9.80
C GLY C 184 -25.63 17.44 9.60
N THR C 185 -25.97 17.15 8.35
CA THR C 185 -26.96 16.12 8.06
C THR C 185 -26.46 14.70 8.40
N LEU C 186 -25.15 14.51 8.43
CA LEU C 186 -24.59 13.19 8.70
C LEU C 186 -24.86 12.83 10.15
N SER C 187 -24.80 13.85 11.01
CA SER C 187 -25.11 13.66 12.42
C SER C 187 -26.56 13.23 12.57
N GLN C 188 -27.42 13.73 11.68
CA GLN C 188 -28.83 13.37 11.72
C GLN C 188 -29.03 11.92 11.32
N VAL C 189 -28.29 11.47 10.33
CA VAL C 189 -28.39 10.08 9.88
C VAL C 189 -27.84 9.12 10.95
N TYR C 190 -26.79 9.54 11.63
CA TYR C 190 -26.20 8.73 12.70
C TYR C 190 -27.15 8.62 13.88
N ALA C 191 -27.83 9.73 14.19
CA ALA C 191 -28.80 9.76 15.27
C ALA C 191 -29.98 8.86 14.96
N ASP C 192 -30.37 8.82 13.69
CA ASP C 192 -31.45 7.96 13.22
C ASP C 192 -31.07 6.50 13.41
N ILE C 193 -29.93 6.11 12.84
CA ILE C 193 -29.40 4.77 13.04
C ILE C 193 -29.33 4.42 14.53
N LYS C 194 -28.85 5.36 15.34
CA LYS C 194 -28.77 5.18 16.78
C LYS C 194 -30.13 4.85 17.41
N GLN C 195 -31.13 5.67 17.13
CA GLN C 195 -32.46 5.44 17.67
C GLN C 195 -33.12 4.18 17.12
N THR C 196 -33.01 3.97 15.81
CA THR C 196 -33.65 2.83 15.17
C THR C 196 -33.08 1.47 15.64
N LEU C 197 -31.77 1.41 15.84
CA LEU C 197 -31.10 0.17 16.27
C LEU C 197 -30.98 0.14 17.77
N GLN C 198 -31.44 1.23 18.35
CA GLN C 198 -31.45 1.45 19.82
C GLN C 198 -30.03 1.25 20.34
N LEU C 199 -29.04 2.01 19.88
CA LEU C 199 -27.65 1.83 20.34
C LEU C 199 -27.05 3.20 20.68
N PRO C 200 -26.02 3.23 21.54
CA PRO C 200 -25.40 4.52 21.88
C PRO C 200 -24.12 4.80 21.10
N PHE C 201 -23.81 3.93 20.14
CA PHE C 201 -22.64 4.08 19.28
C PHE C 201 -22.99 3.76 17.82
N ILE C 202 -22.15 4.21 16.90
CA ILE C 202 -22.32 3.88 15.48
C ILE C 202 -21.29 2.86 15.01
N ASN C 203 -21.77 1.73 14.48
CA ASN C 203 -20.91 0.64 14.05
C ASN C 203 -19.98 1.00 12.87
N SER C 204 -18.91 0.22 12.73
CA SER C 204 -17.81 0.53 11.82
C SER C 204 -18.32 0.52 10.40
N ASN C 205 -19.24 -0.40 10.15
CA ASN C 205 -19.83 -0.62 8.85
C ASN C 205 -20.51 0.63 8.29
N TYR C 206 -21.41 1.24 9.06
CA TYR C 206 -22.07 2.47 8.65
C TYR C 206 -21.08 3.62 8.51
N LYS C 207 -20.11 3.67 9.44
CA LYS C 207 -19.08 4.68 9.38
C LYS C 207 -18.26 4.57 8.09
N ALA C 208 -18.00 3.36 7.64
CA ALA C 208 -17.22 3.20 6.42
C ALA C 208 -18.07 3.56 5.18
N MET C 209 -19.34 3.20 5.24
CA MET C 209 -20.31 3.58 4.22
C MET C 209 -20.47 5.10 4.14
N ALA C 210 -20.25 5.77 5.26
CA ALA C 210 -20.51 7.21 5.32
C ALA C 210 -19.41 8.05 4.65
N ARG C 211 -18.29 7.42 4.29
CA ARG C 211 -17.36 8.01 3.34
C ARG C 211 -18.09 8.48 2.07
N TRP C 212 -19.13 7.75 1.68
CA TRP C 212 -20.06 8.24 0.66
C TRP C 212 -21.42 8.53 1.29
N PRO C 213 -21.57 9.71 1.90
CA PRO C 213 -22.81 10.08 2.62
C PRO C 213 -24.10 9.74 1.85
N SER C 214 -24.27 10.27 0.64
CA SER C 214 -25.51 10.06 -0.12
C SER C 214 -25.80 8.58 -0.33
N TYR C 215 -24.75 7.80 -0.58
CA TYR C 215 -24.92 6.35 -0.67
C TYR C 215 -25.47 5.75 0.64
N LEU C 216 -25.01 6.25 1.78
CA LEU C 216 -25.46 5.73 3.07
C LEU C 216 -26.93 6.05 3.35
N GLU C 217 -27.32 7.31 3.11
CA GLU C 217 -28.73 7.73 3.23
C GLU C 217 -29.67 6.79 2.45
N GLN C 218 -29.27 6.47 1.23
CA GLN C 218 -30.06 5.62 0.36
C GLN C 218 -30.08 4.18 0.84
N ALA C 219 -28.90 3.67 1.21
CA ALA C 219 -28.76 2.29 1.68
C ALA C 219 -29.45 2.08 3.03
N TRP C 220 -29.28 3.03 3.93
CA TRP C 220 -29.94 2.95 5.24
C TRP C 220 -31.45 3.15 5.06
N GLY C 221 -31.82 3.99 4.10
CA GLY C 221 -33.22 4.24 3.80
C GLY C 221 -33.93 2.97 3.36
N ALA C 222 -33.25 2.16 2.56
CA ALA C 222 -33.80 0.89 2.12
C ALA C 222 -33.94 -0.11 3.26
N LEU C 223 -32.91 -0.23 4.09
CA LEU C 223 -32.93 -1.22 5.17
C LEU C 223 -33.96 -0.90 6.26
N LYS C 224 -33.96 0.35 6.73
CA LYS C 224 -34.72 0.78 7.92
C LYS C 224 -36.11 0.14 8.11
N PRO C 225 -36.95 0.12 7.06
CA PRO C 225 -38.28 -0.48 7.27
C PRO C 225 -38.24 -1.96 7.61
N CYS C 226 -37.15 -2.64 7.28
CA CYS C 226 -37.06 -4.08 7.55
C CYS C 226 -36.68 -4.38 9.00
N ILE C 227 -36.08 -3.40 9.67
CA ILE C 227 -35.62 -3.59 11.04
C ILE C 227 -36.76 -3.98 11.98
N ASP C 228 -36.52 -5.01 12.78
CA ASP C 228 -37.45 -5.45 13.82
C ASP C 228 -38.83 -5.88 13.27
N THR C 229 -38.91 -6.14 11.96
CA THR C 229 -40.07 -6.82 11.38
C THR C 229 -40.09 -8.25 11.90
N PRO C 230 -41.18 -9.00 11.67
CA PRO C 230 -41.19 -10.37 12.20
C PRO C 230 -40.15 -11.30 11.57
N ALA C 231 -39.89 -11.16 10.27
CA ALA C 231 -38.88 -11.99 9.62
C ALA C 231 -37.48 -11.62 10.10
N TYR C 232 -37.26 -10.32 10.34
CA TYR C 232 -35.98 -9.81 10.82
C TYR C 232 -35.64 -10.42 12.19
N GLN C 233 -36.54 -10.23 13.15
CA GLN C 233 -36.36 -10.78 14.49
C GLN C 233 -36.08 -12.27 14.45
N ALA C 234 -36.75 -12.98 13.54
CA ALA C 234 -36.61 -14.43 13.44
C ALA C 234 -35.25 -14.83 12.87
N GLY C 235 -34.79 -14.11 11.84
CA GLY C 235 -33.45 -14.33 11.31
C GLY C 235 -32.40 -14.06 12.39
N ARG C 236 -32.62 -13.00 13.15
CA ARG C 236 -31.69 -12.59 14.20
C ARG C 236 -31.47 -13.69 15.22
N PHE C 237 -32.55 -14.40 15.57
CA PHE C 237 -32.48 -15.52 16.51
C PHE C 237 -31.76 -16.73 15.93
N ASP C 238 -32.03 -17.03 14.66
CA ASP C 238 -31.33 -18.09 13.94
C ASP C 238 -29.82 -17.83 13.98
N ILE C 239 -29.42 -16.61 13.61
CA ILE C 239 -28.02 -16.18 13.62
C ILE C 239 -27.44 -16.21 15.03
N ASN C 240 -28.22 -15.71 15.99
CA ASN C 240 -27.80 -15.83 17.38
C ASN C 240 -27.64 -17.28 17.80
N ALA C 241 -28.50 -18.17 17.30
CA ALA C 241 -28.46 -19.55 17.72
C ALA C 241 -27.22 -20.24 17.16
N ARG C 242 -26.84 -19.88 15.94
CA ARG C 242 -25.68 -20.49 15.32
C ARG C 242 -24.36 -20.04 15.96
N ALA C 243 -24.33 -18.79 16.42
CA ALA C 243 -23.15 -18.29 17.14
C ALA C 243 -22.94 -19.08 18.43
N LEU C 244 -24.02 -19.24 19.20
CA LEU C 244 -23.99 -20.12 20.36
C LEU C 244 -23.56 -21.56 20.02
N ALA C 245 -23.88 -22.01 18.80
CA ALA C 245 -23.48 -23.35 18.39
C ALA C 245 -21.97 -23.42 18.09
N ALA C 246 -21.43 -22.38 17.47
CA ALA C 246 -20.00 -22.34 17.20
C ALA C 246 -19.22 -22.32 18.51
N LEU C 247 -19.76 -21.63 19.51
CA LEU C 247 -19.07 -21.55 20.79
C LEU C 247 -19.01 -22.92 21.47
N ASP C 248 -20.12 -23.66 21.38
CA ASP C 248 -20.18 -24.99 21.97
C ASP C 248 -19.18 -25.97 21.35
N ALA C 249 -18.66 -25.66 20.17
CA ALA C 249 -17.72 -26.58 19.52
C ALA C 249 -16.40 -25.92 19.16
N LEU C 250 -15.91 -25.02 20.02
CA LEU C 250 -14.59 -24.45 19.81
C LEU C 250 -13.56 -25.56 19.88
N PRO C 251 -12.65 -25.58 18.89
CA PRO C 251 -11.64 -26.64 18.82
C PRO C 251 -10.65 -26.63 19.98
N THR C 252 -10.31 -25.45 20.52
CA THR C 252 -9.52 -25.36 21.75
C THR C 252 -10.42 -24.88 22.89
N ALA C 253 -10.35 -25.52 24.05
CA ALA C 253 -11.25 -25.16 25.14
C ALA C 253 -11.14 -23.68 25.54
N TYR C 254 -12.25 -23.11 25.95
CA TYR C 254 -12.31 -21.72 26.31
C TYR C 254 -13.12 -21.59 27.59
N ARG C 255 -12.48 -21.07 28.63
CA ARG C 255 -13.15 -20.70 29.88
C ARG C 255 -12.69 -19.31 30.29
N MET C 256 -13.64 -18.51 30.77
CA MET C 256 -13.35 -17.18 31.26
C MET C 256 -14.56 -16.73 32.08
N SER C 257 -14.56 -17.17 33.34
CA SER C 257 -15.68 -16.95 34.25
C SER C 257 -15.47 -15.66 35.04
N ARG C 258 -16.46 -15.26 35.83
CA ARG C 258 -16.35 -14.09 36.67
C ARG C 258 -15.10 -14.16 37.55
N ASP C 259 -14.87 -15.35 38.11
CA ASP C 259 -13.69 -15.59 38.94
C ASP C 259 -12.39 -15.46 38.13
N ASP C 260 -12.46 -15.78 36.84
CA ASP C 260 -11.30 -15.61 35.97
C ASP C 260 -11.04 -14.12 35.73
N ALA C 261 -12.12 -13.35 35.64
CA ALA C 261 -12.02 -11.92 35.45
C ALA C 261 -11.34 -11.25 36.66
N LEU C 262 -11.65 -11.73 37.88
CA LEU C 262 -10.98 -11.27 39.10
C LEU C 262 -9.48 -11.50 39.02
N GLN C 263 -9.11 -12.74 38.76
CA GLN C 263 -7.70 -13.12 38.73
C GLN C 263 -6.95 -12.48 37.58
N ALA C 264 -7.67 -12.08 36.53
CA ALA C 264 -7.05 -11.34 35.45
C ALA C 264 -6.66 -9.93 35.92
N GLY C 265 -7.40 -9.42 36.90
CA GLY C 265 -7.08 -8.12 37.47
C GLY C 265 -8.25 -7.17 37.66
N LEU C 266 -9.46 -7.68 37.47
CA LEU C 266 -10.67 -6.87 37.59
C LEU C 266 -11.32 -6.98 38.95
N SER C 267 -11.98 -5.90 39.38
CA SER C 267 -12.84 -5.93 40.55
C SER C 267 -14.16 -6.56 40.19
N GLU C 268 -14.96 -6.95 41.18
CA GLU C 268 -16.25 -7.57 40.91
C GLU C 268 -17.24 -6.57 40.35
N ALA C 269 -17.07 -5.31 40.76
CA ALA C 269 -17.89 -4.22 40.25
C ALA C 269 -17.59 -3.93 38.78
N GLN C 270 -16.31 -4.02 38.42
CA GLN C 270 -15.89 -3.86 37.03
C GLN C 270 -16.38 -5.07 36.18
N THR C 271 -16.33 -6.27 36.75
CA THR C 271 -16.77 -7.46 36.02
C THR C 271 -18.27 -7.39 35.69
N ASP C 272 -19.05 -6.97 36.68
CA ASP C 272 -20.48 -6.75 36.50
C ASP C 272 -20.78 -5.83 35.31
N GLU C 273 -20.13 -4.67 35.28
CA GLU C 273 -20.35 -3.66 34.23
C GLU C 273 -19.99 -4.22 32.85
N LEU C 274 -18.84 -4.87 32.77
CA LEU C 274 -18.40 -5.57 31.58
C LEU C 274 -19.46 -6.53 31.04
N ILE C 275 -20.05 -7.31 31.94
CA ILE C 275 -21.12 -8.25 31.58
C ILE C 275 -22.25 -7.53 30.86
N GLN C 276 -22.66 -6.38 31.39
CA GLN C 276 -23.73 -5.62 30.75
C GLN C 276 -23.28 -4.97 29.44
N VAL C 277 -21.99 -4.61 29.35
CA VAL C 277 -21.49 -4.06 28.09
C VAL C 277 -21.47 -5.12 27.00
N ILE C 278 -20.98 -6.32 27.32
CA ILE C 278 -20.88 -7.36 26.31
C ILE C 278 -22.24 -7.88 25.87
N SER C 279 -23.20 -7.90 26.78
CA SER C 279 -24.55 -8.37 26.43
C SER C 279 -25.15 -7.50 25.33
N LEU C 280 -24.96 -6.19 25.47
CA LEU C 280 -25.42 -5.23 24.46
C LEU C 280 -24.78 -5.53 23.12
N PHE C 281 -23.46 -5.67 23.12
CA PHE C 281 -22.73 -5.91 21.89
C PHE C 281 -23.10 -7.25 21.24
N GLN C 282 -23.23 -8.29 22.05
CA GLN C 282 -23.51 -9.63 21.54
C GLN C 282 -24.89 -9.68 20.87
N TRP C 283 -25.88 -9.11 21.54
CA TRP C 283 -27.22 -8.93 21.00
C TRP C 283 -27.14 -8.21 19.65
N MET C 284 -26.52 -7.04 19.68
CA MET C 284 -26.42 -6.15 18.53
C MET C 284 -25.79 -6.81 17.30
N LEU C 285 -24.79 -7.66 17.53
CA LEU C 285 -23.96 -8.18 16.44
C LEU C 285 -24.74 -9.10 15.48
N SER C 286 -25.69 -9.86 15.99
CA SER C 286 -26.48 -10.72 15.11
C SER C 286 -27.34 -9.87 14.20
N GLY C 287 -27.77 -8.71 14.71
CA GLY C 287 -28.54 -7.78 13.92
C GLY C 287 -27.66 -7.11 12.88
N LEU C 288 -26.44 -6.77 13.27
CA LEU C 288 -25.49 -6.11 12.38
C LEU C 288 -25.14 -6.98 11.18
N VAL C 289 -25.10 -8.30 11.40
CA VAL C 289 -24.78 -9.24 10.32
C VAL C 289 -25.90 -9.29 9.28
N LEU C 290 -27.14 -9.20 9.73
CA LEU C 290 -28.26 -9.19 8.77
C LEU C 290 -28.27 -7.88 8.00
N ASN C 291 -27.86 -6.82 8.68
CA ASN C 291 -27.84 -5.49 8.06
C ASN C 291 -26.85 -5.40 6.92
N VAL C 292 -25.63 -5.88 7.14
CA VAL C 292 -24.62 -5.84 6.09
C VAL C 292 -25.02 -6.72 4.91
N THR C 293 -25.67 -7.85 5.21
CA THR C 293 -26.15 -8.76 4.18
C THR C 293 -27.14 -8.07 3.26
N HIS C 294 -28.11 -7.40 3.87
CA HIS C 294 -29.08 -6.59 3.14
C HIS C 294 -28.37 -5.55 2.26
N PHE C 295 -27.44 -4.79 2.85
CA PHE C 295 -26.69 -3.79 2.07
C PHE C 295 -26.01 -4.43 0.87
N LYS C 296 -25.39 -5.59 1.12
CA LYS C 296 -24.63 -6.30 0.11
C LYS C 296 -25.54 -6.83 -1.00
N GLN C 297 -26.77 -7.19 -0.65
CA GLN C 297 -27.69 -7.68 -1.67
C GLN C 297 -28.27 -6.51 -2.46
N GLN C 298 -28.48 -5.37 -1.81
CA GLN C 298 -28.81 -4.13 -2.51
C GLN C 298 -27.80 -3.84 -3.61
N ALA C 299 -26.53 -4.08 -3.32
CA ALA C 299 -25.48 -3.71 -4.25
C ALA C 299 -25.21 -4.78 -5.30
N LEU C 300 -26.09 -5.79 -5.36
CA LEU C 300 -25.97 -6.96 -6.24
C LEU C 300 -25.41 -6.68 -7.64
N HIS D 9 44.90 16.78 -7.00
CA HIS D 9 45.17 15.53 -6.27
C HIS D 9 44.33 15.35 -5.01
N LEU D 10 43.30 16.19 -4.80
CA LEU D 10 42.40 16.10 -3.64
C LEU D 10 41.95 14.67 -3.28
N GLN D 11 42.34 14.22 -2.09
CA GLN D 11 41.98 12.91 -1.57
C GLN D 11 41.40 12.99 -0.15
N LEU D 12 40.30 12.29 0.08
CA LEU D 12 39.66 12.27 1.39
C LEU D 12 40.16 11.09 2.23
N PRO D 13 41.03 11.38 3.22
CA PRO D 13 41.65 10.29 3.99
C PRO D 13 40.63 9.40 4.70
N ARG D 14 40.84 8.09 4.65
CA ARG D 14 39.97 7.14 5.34
C ARG D 14 40.40 7.05 6.81
N PRO D 15 39.45 7.24 7.74
CA PRO D 15 39.75 7.25 9.17
C PRO D 15 40.12 5.87 9.69
N VAL D 16 40.89 5.80 10.78
CA VAL D 16 41.19 4.50 11.37
C VAL D 16 39.97 4.00 12.16
N CYS D 17 39.62 2.73 11.96
CA CYS D 17 38.48 2.14 12.64
C CYS D 17 38.62 0.63 12.80
N GLU D 18 38.80 0.21 14.05
CA GLU D 18 38.83 -1.20 14.37
C GLU D 18 37.84 -1.47 15.49
N ALA D 19 37.02 -0.46 15.79
CA ALA D 19 35.81 -0.64 16.59
C ALA D 19 34.80 -1.54 15.87
N ILE D 20 34.00 -2.27 16.64
CA ILE D 20 33.00 -3.13 16.02
C ILE D 20 31.69 -2.38 15.82
N ILE D 21 31.14 -2.48 14.62
CA ILE D 21 29.88 -1.85 14.28
C ILE D 21 28.76 -2.85 14.55
N ARG D 22 27.67 -2.39 15.17
CA ARG D 22 26.59 -3.31 15.54
C ARG D 22 25.23 -2.73 15.14
N PRO D 23 24.93 -2.71 13.83
CA PRO D 23 23.68 -2.10 13.37
C PRO D 23 22.47 -2.79 13.99
N VAL D 24 21.50 -2.02 14.47
CA VAL D 24 20.18 -2.56 14.81
C VAL D 24 19.21 -2.41 13.62
N PRO D 25 19.05 -3.47 12.82
CA PRO D 25 18.19 -3.33 11.63
C PRO D 25 16.73 -3.08 12.02
N GLU D 26 15.94 -2.55 11.08
CA GLU D 26 14.55 -2.18 11.36
C GLU D 26 13.72 -3.41 11.75
N HIS D 27 14.02 -4.55 11.13
CA HIS D 27 13.27 -5.77 11.42
C HIS D 27 13.64 -6.41 12.77
N ARG D 28 14.54 -5.80 13.53
CA ARG D 28 14.88 -6.24 14.90
C ARG D 28 14.67 -5.16 15.95
N ALA D 29 14.46 -3.92 15.52
CA ALA D 29 14.25 -2.82 16.47
C ALA D 29 13.05 -3.06 17.36
N ASP D 30 13.26 -3.01 18.67
CA ASP D 30 12.15 -3.08 19.62
C ASP D 30 11.23 -1.89 19.45
N GLN D 31 10.13 -1.90 20.19
CA GLN D 31 9.12 -0.84 20.12
C GLN D 31 9.70 0.55 20.28
N GLU D 32 10.49 0.74 21.33
CA GLU D 32 11.10 2.05 21.64
C GLU D 32 11.92 2.58 20.49
N LEU D 33 12.86 1.76 20.03
CA LEU D 33 13.76 2.16 18.96
C LEU D 33 13.00 2.42 17.65
N SER D 34 12.02 1.57 17.37
CA SER D 34 11.21 1.66 16.15
C SER D 34 10.47 2.98 16.08
N GLU D 35 10.07 3.52 17.23
CA GLU D 35 9.37 4.79 17.24
C GLU D 35 10.32 5.91 16.85
N ILE D 36 11.59 5.82 17.29
CA ILE D 36 12.58 6.82 16.90
C ILE D 36 12.88 6.68 15.41
N TYR D 37 12.97 5.44 14.97
CA TYR D 37 13.18 5.11 13.56
C TYR D 37 12.11 5.71 12.66
N ARG D 38 10.86 5.63 13.09
CA ARG D 38 9.76 6.13 12.27
C ARG D 38 9.76 7.65 12.22
N ASP D 39 10.17 8.28 13.31
CA ASP D 39 10.21 9.73 13.33
C ASP D 39 11.34 10.23 12.44
N LEU D 40 12.46 9.51 12.47
CA LEU D 40 13.58 9.75 11.58
C LEU D 40 13.10 9.71 10.13
N LYS D 41 12.56 8.56 9.75
CA LYS D 41 12.05 8.35 8.38
C LYS D 41 11.04 9.41 7.93
N ALA D 42 10.08 9.73 8.79
CA ALA D 42 9.07 10.71 8.43
C ALA D 42 9.64 12.12 8.28
N THR D 43 10.71 12.42 9.04
CA THR D 43 11.36 13.73 9.00
C THR D 43 12.23 13.89 7.76
N PHE D 44 13.05 12.88 7.46
CA PHE D 44 13.83 12.86 6.23
C PHE D 44 12.93 12.63 5.00
N GLY D 45 11.77 12.00 5.23
CA GLY D 45 10.90 11.59 4.15
C GLY D 45 11.49 10.45 3.34
N VAL D 46 12.06 9.45 4.01
CA VAL D 46 12.62 8.27 3.35
C VAL D 46 11.98 6.97 3.87
N PRO D 47 11.88 5.93 3.02
CA PRO D 47 11.22 4.68 3.42
C PRO D 47 12.13 3.69 4.16
N TRP D 48 13.32 4.14 4.53
CA TRP D 48 14.35 3.27 5.10
C TRP D 48 15.23 3.97 6.14
N VAL D 49 15.66 3.20 7.12
CA VAL D 49 16.60 3.66 8.14
C VAL D 49 18.03 3.30 7.72
N GLY D 50 18.89 4.30 7.57
CA GLY D 50 20.25 4.04 7.11
C GLY D 50 21.09 3.22 8.07
N VAL D 51 22.11 2.54 7.53
CA VAL D 51 23.00 1.73 8.36
C VAL D 51 23.75 2.60 9.37
N ILE D 52 24.12 3.80 8.92
CA ILE D 52 24.72 4.83 9.74
C ILE D 52 23.90 5.01 11.01
N THR D 53 22.60 5.21 10.86
CA THR D 53 21.75 5.48 12.00
C THR D 53 21.45 4.17 12.72
N GLN D 54 21.50 3.04 12.00
CA GLN D 54 21.32 1.72 12.64
C GLN D 54 22.47 1.44 13.62
N ALA D 55 23.69 1.75 13.20
CA ALA D 55 24.89 1.55 13.99
C ALA D 55 24.92 2.46 15.18
N VAL D 56 24.63 3.73 14.95
CA VAL D 56 24.64 4.74 16.01
C VAL D 56 23.56 4.43 17.04
N ALA D 57 22.52 3.73 16.57
CA ALA D 57 21.37 3.36 17.40
C ALA D 57 21.77 2.39 18.49
N TYR D 58 22.87 1.67 18.28
CA TYR D 58 23.39 0.80 19.31
C TYR D 58 23.70 1.59 20.59
N TYR D 59 24.31 2.77 20.42
CA TYR D 59 24.53 3.65 21.55
C TYR D 59 23.25 4.43 21.82
N ARG D 60 22.19 3.70 22.16
CA ARG D 60 20.82 4.23 22.10
C ARG D 60 20.55 5.58 22.79
N PRO D 61 20.99 5.77 24.04
CA PRO D 61 20.64 7.11 24.58
C PRO D 61 21.36 8.26 23.85
N PHE D 62 22.49 7.96 23.19
CA PHE D 62 23.17 8.97 22.41
C PHE D 62 22.34 9.23 21.14
N PHE D 63 22.00 8.14 20.43
CA PHE D 63 21.19 8.23 19.24
C PHE D 63 19.90 9.00 19.51
N ALA D 64 19.21 8.63 20.58
CA ALA D 64 17.97 9.34 20.95
C ALA D 64 18.23 10.83 21.13
N GLU D 65 19.27 11.18 21.89
CA GLU D 65 19.51 12.60 22.15
C GLU D 65 20.01 13.37 20.93
N ALA D 66 21.02 12.84 20.24
CA ALA D 66 21.52 13.41 18.99
C ALA D 66 20.42 13.64 17.93
N TRP D 67 19.44 12.75 17.87
CA TRP D 67 18.38 12.93 16.88
C TRP D 67 17.44 14.06 17.31
N ARG D 68 17.15 14.14 18.61
CA ARG D 68 16.30 15.20 19.16
C ARG D 68 16.89 16.58 18.87
N ARG D 69 18.22 16.63 18.92
CA ARG D 69 18.91 17.89 18.69
C ARG D 69 19.02 18.17 17.21
N PHE D 70 19.09 17.11 16.40
CA PHE D 70 19.22 17.34 14.97
C PHE D 70 17.89 17.53 14.24
N ALA D 71 16.80 16.94 14.73
CA ALA D 71 15.52 16.97 14.00
C ALA D 71 14.98 18.38 13.68
N PRO D 72 15.09 19.35 14.62
CA PRO D 72 14.57 20.68 14.28
C PRO D 72 15.19 21.29 13.03
N SER D 73 16.49 21.08 12.82
CA SER D 73 17.12 21.48 11.57
C SER D 73 16.67 20.62 10.36
N ALA D 74 16.45 19.32 10.56
CA ALA D 74 16.10 18.44 9.43
C ALA D 74 14.71 18.73 8.88
N LYS D 75 13.83 19.27 9.72
CA LYS D 75 12.49 19.63 9.28
C LYS D 75 12.40 20.89 8.38
N THR D 76 13.53 21.55 8.10
CA THR D 76 13.51 22.88 7.47
C THR D 76 13.75 22.88 5.96
N HIS D 77 13.33 23.99 5.35
CA HIS D 77 13.64 24.34 3.94
C HIS D 77 15.13 24.30 3.64
N PHE D 78 15.94 24.85 4.56
CA PHE D 78 17.39 24.83 4.42
C PHE D 78 17.95 23.43 4.18
N PHE D 79 17.48 22.49 4.99
CA PHE D 79 18.05 21.14 4.99
C PHE D 79 17.67 20.40 3.71
N GLU D 80 16.40 20.51 3.34
CA GLU D 80 15.91 19.98 2.06
C GLU D 80 16.77 20.47 0.89
N ARG D 81 17.09 21.76 0.90
CA ARG D 81 17.85 22.38 -0.18
C ARG D 81 19.32 21.96 -0.17
N ALA D 82 19.89 21.86 1.03
CA ALA D 82 21.32 21.55 1.16
C ALA D 82 21.57 20.11 0.77
N SER D 83 20.63 19.24 1.11
CA SER D 83 20.69 17.83 0.71
C SER D 83 20.55 17.72 -0.79
N ASP D 84 19.51 18.35 -1.29
CA ASP D 84 19.21 18.32 -2.72
C ASP D 84 20.41 18.85 -3.48
N ASP D 85 21.04 19.91 -2.97
CA ASP D 85 22.18 20.52 -3.65
C ASP D 85 23.43 19.64 -3.70
N ILE D 86 23.55 18.70 -2.78
CA ILE D 86 24.63 17.71 -2.83
C ILE D 86 24.33 16.65 -3.92
N ARG D 87 23.06 16.28 -4.06
CA ARG D 87 22.64 15.43 -5.16
C ARG D 87 23.04 16.06 -6.50
N ILE D 88 22.61 17.30 -6.73
CA ILE D 88 22.95 18.06 -7.94
C ILE D 88 24.45 18.11 -8.22
N ARG D 89 25.22 18.35 -7.17
CA ARG D 89 26.68 18.41 -7.24
C ARG D 89 27.28 17.07 -7.68
N SER D 90 26.87 15.99 -7.01
CA SER D 90 27.25 14.64 -7.41
C SER D 90 26.90 14.34 -8.88
N TRP D 91 25.69 14.73 -9.28
CA TRP D 91 25.25 14.54 -10.67
C TRP D 91 26.21 15.27 -11.61
N GLU D 92 26.49 16.52 -11.23
CA GLU D 92 27.38 17.40 -11.96
C GLU D 92 28.79 16.84 -12.10
N LEU D 93 29.42 16.54 -10.97
CA LEU D 93 30.76 15.97 -10.96
C LEU D 93 30.93 14.74 -11.83
N MET D 94 30.05 13.76 -11.64
CA MET D 94 30.12 12.45 -12.31
C MET D 94 29.88 12.53 -13.81
N GLY D 95 29.02 13.44 -14.24
CA GLY D 95 28.80 13.67 -15.65
C GLY D 95 30.04 14.29 -16.27
N GLN D 96 30.59 15.30 -15.61
CA GLN D 96 31.78 16.03 -16.06
C GLN D 96 32.99 15.15 -16.24
N SER D 97 33.13 14.18 -15.34
CA SER D 97 34.40 13.49 -15.21
C SER D 97 34.39 12.15 -15.92
N PHE D 98 33.23 11.53 -16.02
CA PHE D 98 33.16 10.18 -16.55
C PHE D 98 32.26 10.10 -17.76
N VAL D 99 32.72 9.38 -18.76
CA VAL D 99 31.84 9.03 -19.86
C VAL D 99 31.07 7.81 -19.36
N ILE D 100 29.80 8.04 -19.04
CA ILE D 100 29.02 6.98 -18.41
C ILE D 100 28.00 6.47 -19.40
N GLU D 101 28.26 5.28 -19.94
CA GLU D 101 27.40 4.72 -20.97
C GLU D 101 26.14 4.12 -20.36
N GLY D 102 25.03 4.27 -21.08
CA GLY D 102 23.77 3.70 -20.64
C GLY D 102 23.87 2.20 -20.57
N GLN D 103 23.08 1.58 -19.69
CA GLN D 103 23.10 0.13 -19.51
C GLN D 103 21.75 -0.50 -19.87
N THR D 104 20.80 0.37 -20.21
CA THR D 104 19.42 -0.02 -20.47
C THR D 104 19.29 -1.07 -21.57
N ASP D 105 20.05 -0.91 -22.65
CA ASP D 105 19.99 -1.86 -23.74
C ASP D 105 20.57 -3.19 -23.29
N ARG D 106 21.64 -3.15 -22.51
CA ARG D 106 22.26 -4.36 -21.99
C ARG D 106 21.27 -5.12 -21.10
N LEU D 107 20.51 -4.36 -20.31
CA LEU D 107 19.49 -4.96 -19.45
C LEU D 107 18.34 -5.53 -20.27
N ARG D 108 17.93 -4.81 -21.31
CA ARG D 108 16.82 -5.25 -22.15
C ARG D 108 17.19 -6.58 -22.81
N GLU D 109 18.40 -6.66 -23.36
CA GLU D 109 18.86 -7.90 -23.96
C GLU D 109 19.01 -9.03 -22.93
N MET D 110 19.25 -8.69 -21.66
CA MET D 110 19.36 -9.71 -20.61
C MET D 110 18.00 -10.24 -20.20
N GLY D 111 16.95 -9.72 -20.84
CA GLY D 111 15.60 -10.15 -20.53
C GLY D 111 14.79 -9.19 -19.68
N TYR D 112 15.41 -8.09 -19.24
CA TYR D 112 14.70 -7.10 -18.42
C TYR D 112 13.69 -6.33 -19.26
N SER D 113 12.49 -6.13 -18.70
CA SER D 113 11.42 -5.45 -19.41
C SER D 113 11.45 -3.99 -19.05
N VAL D 114 10.67 -3.21 -19.78
CA VAL D 114 10.62 -1.78 -19.57
C VAL D 114 10.05 -1.46 -18.18
N ARG D 115 9.12 -2.28 -17.71
CA ARG D 115 8.51 -2.05 -16.40
C ARG D 115 9.51 -2.34 -15.28
N GLU D 116 10.33 -3.37 -15.48
CA GLU D 116 11.33 -3.77 -14.52
C GLU D 116 12.40 -2.69 -14.39
N ILE D 117 12.87 -2.20 -15.53
CA ILE D 117 13.85 -1.12 -15.55
C ILE D 117 13.28 0.11 -14.85
N GLY D 118 12.00 0.38 -15.09
CA GLY D 118 11.30 1.40 -14.34
C GLY D 118 11.44 1.19 -12.84
N GLN D 119 11.25 -0.05 -12.40
CA GLN D 119 11.33 -0.41 -10.97
C GLN D 119 12.72 -0.21 -10.41
N ILE D 120 13.71 -0.61 -11.18
CA ILE D 120 15.09 -0.43 -10.80
C ILE D 120 15.43 1.05 -10.61
N ARG D 121 14.94 1.89 -11.52
CA ARG D 121 15.20 3.33 -11.45
C ARG D 121 14.55 3.97 -10.26
N ALA D 122 13.38 3.45 -9.87
CA ALA D 122 12.66 3.99 -8.73
C ALA D 122 13.44 3.73 -7.46
N VAL D 123 13.94 2.50 -7.34
CA VAL D 123 14.78 2.12 -6.19
C VAL D 123 15.99 3.03 -6.11
N LEU D 124 16.65 3.27 -7.23
CA LEU D 124 17.82 4.13 -7.24
C LEU D 124 17.48 5.54 -6.79
N ASP D 125 16.33 6.07 -7.24
CA ASP D 125 15.90 7.41 -6.85
C ASP D 125 15.76 7.57 -5.34
N ILE D 126 15.33 6.50 -4.67
CA ILE D 126 15.15 6.49 -3.23
C ILE D 126 16.46 6.89 -2.54
N PHE D 127 17.54 6.26 -2.97
CA PHE D 127 18.83 6.46 -2.35
C PHE D 127 19.55 7.69 -2.91
N ASP D 128 19.27 8.04 -4.16
CA ASP D 128 19.81 9.26 -4.74
C ASP D 128 19.34 10.46 -3.92
N TYR D 129 18.10 10.37 -3.48
CA TYR D 129 17.44 11.43 -2.70
C TYR D 129 17.87 11.47 -1.24
N GLY D 130 17.92 10.28 -0.62
CA GLY D 130 18.05 10.16 0.82
C GLY D 130 19.45 10.20 1.41
N ASN D 131 20.43 9.67 0.69
CA ASN D 131 21.79 9.57 1.18
C ASN D 131 22.43 10.91 1.55
N PRO D 132 22.14 11.99 0.79
CA PRO D 132 22.68 13.27 1.23
C PRO D 132 22.21 13.67 2.62
N LYS D 133 20.97 13.33 2.97
CA LYS D 133 20.46 13.69 4.29
C LYS D 133 21.20 12.90 5.36
N TYR D 134 21.48 11.63 5.07
CA TYR D 134 22.25 10.80 5.99
C TYR D 134 23.68 11.30 6.07
N LEU D 135 24.23 11.74 4.92
CA LEU D 135 25.58 12.29 4.88
C LEU D 135 25.74 13.52 5.79
N ILE D 136 24.78 14.43 5.74
CA ILE D 136 24.87 15.65 6.54
C ILE D 136 24.77 15.30 8.02
N PHE D 137 23.79 14.46 8.37
CA PHE D 137 23.60 14.00 9.74
C PHE D 137 24.83 13.26 10.29
N ALA D 138 25.45 12.42 9.48
CA ALA D 138 26.69 11.77 9.93
C ALA D 138 27.73 12.81 10.27
N THR D 139 27.89 13.81 9.38
CA THR D 139 28.86 14.87 9.57
C THR D 139 28.59 15.65 10.86
N ALA D 140 27.34 16.00 11.12
CA ALA D 140 26.99 16.66 12.37
C ALA D 140 27.33 15.81 13.62
N ILE D 141 27.01 14.52 13.59
CA ILE D 141 27.37 13.63 14.72
C ILE D 141 28.88 13.60 14.95
N LYS D 142 29.61 13.29 13.88
CA LYS D 142 31.06 13.18 13.92
C LYS D 142 31.77 14.45 14.38
N GLU D 143 31.41 15.59 13.78
CA GLU D 143 32.09 16.87 14.09
C GLU D 143 31.70 17.44 15.46
N GLY D 144 30.51 17.09 15.93
CA GLY D 144 30.03 17.58 17.21
C GLY D 144 30.76 16.86 18.33
N LEU D 145 31.00 15.58 18.13
CA LEU D 145 31.77 14.78 19.06
C LEU D 145 33.23 15.22 19.05
N LEU D 146 33.87 15.17 17.89
CA LEU D 146 35.27 15.56 17.75
C LEU D 146 35.62 16.97 18.27
N SER D 147 34.77 17.95 17.99
CA SER D 147 35.13 19.35 18.25
C SER D 147 34.43 19.95 19.47
N GLY D 148 33.35 19.35 19.93
CA GLY D 148 32.60 19.92 21.03
C GLY D 148 31.91 21.23 20.68
N ARG D 149 32.03 21.65 19.42
CA ARG D 149 31.49 22.92 18.99
C ARG D 149 29.97 22.90 18.87
N THR D 150 29.40 24.09 18.92
CA THR D 150 27.99 24.30 18.66
C THR D 150 27.84 24.80 17.22
N PHE D 151 27.07 24.05 16.43
CA PHE D 151 27.00 24.33 14.99
C PHE D 151 25.67 24.97 14.57
N GLY D 152 25.78 26.07 13.84
CA GLY D 152 24.61 26.72 13.29
C GLY D 152 23.88 27.60 14.29
N GLY D 153 22.63 27.90 13.99
CA GLY D 153 21.80 28.73 14.85
C GLY D 153 21.80 30.21 14.49
N ALA D 154 22.49 30.58 13.41
CA ALA D 154 22.60 31.97 12.97
C ALA D 154 21.23 32.54 12.56
N ALA D 155 21.13 33.87 12.52
CA ALA D 155 19.87 34.54 12.19
C ALA D 155 19.43 34.25 10.76
N GLY D 156 20.15 34.84 9.81
CA GLY D 156 20.00 34.52 8.40
C GLY D 156 18.64 34.71 7.76
N ASP D 157 18.51 34.15 6.56
CA ASP D 157 17.29 34.25 5.78
C ASP D 157 16.16 33.51 6.47
N ALA D 158 15.08 34.22 6.78
CA ALA D 158 13.95 33.66 7.49
C ALA D 158 13.35 32.45 6.76
N ARG D 159 13.40 32.47 5.44
CA ARG D 159 12.86 31.37 4.62
C ARG D 159 13.61 30.06 4.86
N CYS D 160 14.83 30.13 5.39
CA CYS D 160 15.54 28.90 5.71
C CYS D 160 14.78 28.11 6.78
N HIS D 161 14.07 28.81 7.66
CA HIS D 161 13.39 28.14 8.77
C HIS D 161 11.99 27.65 8.42
N PHE D 162 11.55 27.94 7.19
CA PHE D 162 10.27 27.43 6.71
C PHE D 162 10.29 25.91 6.64
N PRO D 163 9.12 25.29 6.80
CA PRO D 163 9.01 23.83 6.60
C PRO D 163 9.51 23.40 5.23
N ARG D 164 10.09 22.21 5.16
CA ARG D 164 10.68 21.68 3.92
C ARG D 164 9.60 21.25 2.93
N SER D 165 10.02 21.01 1.68
CA SER D 165 9.14 20.41 0.69
C SER D 165 8.52 19.16 1.30
N PRO D 166 7.20 19.20 1.51
CA PRO D 166 6.52 18.29 2.45
C PRO D 166 6.39 16.82 2.04
N ILE D 167 5.97 16.52 0.82
CA ILE D 167 5.58 15.14 0.43
C ILE D 167 6.73 14.18 0.66
N CYS D 168 6.37 12.97 1.10
CA CYS D 168 7.32 11.95 1.51
C CYS D 168 6.91 10.60 0.94
N GLN D 169 7.80 9.62 1.10
CA GLN D 169 7.43 8.19 0.97
C GLN D 169 8.03 7.46 2.16
N ILE D 170 7.20 7.03 3.09
CA ILE D 170 7.71 6.45 4.32
C ILE D 170 7.57 4.94 4.40
N ASP D 171 6.74 4.40 3.51
CA ASP D 171 6.47 2.97 3.45
C ASP D 171 6.38 2.54 2.00
N PRO D 172 6.68 1.26 1.72
CA PRO D 172 7.24 0.29 2.67
C PRO D 172 8.75 0.38 2.70
N ILE D 173 9.37 -0.34 3.60
CA ILE D 173 10.82 -0.46 3.63
C ILE D 173 11.18 -1.09 2.31
N PRO D 174 12.22 -0.59 1.64
CA PRO D 174 12.61 -1.19 0.36
C PRO D 174 12.96 -2.66 0.55
N VAL D 175 12.75 -3.47 -0.48
CA VAL D 175 13.14 -4.86 -0.43
C VAL D 175 14.65 -4.89 -0.46
N MET D 176 15.25 -5.50 0.55
CA MET D 176 16.70 -5.53 0.65
C MET D 176 17.17 -6.94 0.94
N VAL D 177 18.13 -7.41 0.16
CA VAL D 177 18.70 -8.72 0.40
C VAL D 177 19.83 -8.59 1.42
N GLU D 178 19.49 -8.85 2.69
CA GLU D 178 20.45 -8.78 3.77
C GLU D 178 21.57 -9.79 3.57
N GLU D 179 22.63 -9.64 4.36
CA GLU D 179 23.80 -10.50 4.19
C GLU D 179 23.53 -11.96 4.63
N HIS D 180 22.63 -12.16 5.59
CA HIS D 180 22.26 -13.52 5.95
C HIS D 180 21.18 -14.10 5.00
N HIS D 181 20.67 -13.26 4.10
CA HIS D 181 19.72 -13.71 3.07
C HIS D 181 20.44 -14.25 1.87
N ALA D 182 21.65 -13.76 1.64
CA ALA D 182 22.33 -13.92 0.37
C ALA D 182 22.72 -15.36 0.08
N GLY D 183 22.86 -15.67 -1.19
CA GLY D 183 23.26 -17.01 -1.58
C GLY D 183 24.76 -17.10 -1.71
N GLY D 184 25.22 -17.59 -2.85
CA GLY D 184 26.65 -17.78 -3.08
C GLY D 184 27.28 -16.66 -3.86
N THR D 185 26.87 -16.49 -5.12
CA THR D 185 27.44 -15.45 -5.97
C THR D 185 27.04 -14.06 -5.48
N LEU D 186 25.94 -13.99 -4.74
CA LEU D 186 25.51 -12.76 -4.13
C LEU D 186 26.40 -12.49 -2.92
N SER D 187 26.88 -13.56 -2.32
CA SER D 187 27.80 -13.39 -1.20
C SER D 187 29.17 -12.97 -1.71
N GLN D 188 29.49 -13.36 -2.95
CA GLN D 188 30.75 -12.96 -3.56
C GLN D 188 30.74 -11.51 -4.03
N VAL D 189 29.70 -11.12 -4.77
CA VAL D 189 29.53 -9.73 -5.15
C VAL D 189 29.52 -8.85 -3.90
N TYR D 190 28.82 -9.32 -2.88
CA TYR D 190 28.80 -8.61 -1.61
C TYR D 190 30.21 -8.51 -1.03
N ALA D 191 31.00 -9.55 -1.24
CA ALA D 191 32.34 -9.59 -0.67
C ALA D 191 33.28 -8.70 -1.49
N ASP D 192 33.12 -8.73 -2.81
CA ASP D 192 33.93 -7.84 -3.65
C ASP D 192 33.68 -6.36 -3.32
N ILE D 193 32.43 -6.04 -2.99
CA ILE D 193 32.05 -4.66 -2.65
C ILE D 193 32.69 -4.26 -1.33
N LYS D 194 32.59 -5.13 -0.33
CA LYS D 194 33.20 -4.92 0.97
C LYS D 194 34.71 -4.70 0.83
N GLN D 195 35.33 -5.49 -0.04
CA GLN D 195 36.75 -5.31 -0.33
C GLN D 195 37.01 -3.94 -0.94
N THR D 196 36.36 -3.69 -2.08
CA THR D 196 36.70 -2.52 -2.90
C THR D 196 36.42 -1.20 -2.19
N LEU D 197 35.36 -1.16 -1.39
CA LEU D 197 34.95 0.08 -0.75
C LEU D 197 35.57 0.21 0.65
N GLN D 198 36.32 -0.83 1.03
CA GLN D 198 36.98 -0.86 2.33
C GLN D 198 35.97 -0.71 3.47
N LEU D 199 35.02 -1.64 3.55
CA LEU D 199 33.96 -1.57 4.55
C LEU D 199 33.59 -2.95 5.09
N PRO D 200 33.12 -3.00 6.34
CA PRO D 200 32.68 -4.28 6.92
C PRO D 200 31.19 -4.56 6.75
N PHE D 201 30.49 -3.76 5.96
CA PHE D 201 29.04 -3.87 5.80
C PHE D 201 28.60 -3.62 4.35
N ILE D 202 27.44 -4.14 3.97
CA ILE D 202 26.83 -3.80 2.68
C ILE D 202 25.80 -2.69 2.88
N ASN D 203 26.01 -1.56 2.21
CA ASN D 203 25.07 -0.44 2.24
C ASN D 203 23.67 -0.79 1.72
N SER D 204 22.67 -0.11 2.28
CA SER D 204 21.27 -0.37 1.98
C SER D 204 20.97 -0.43 0.51
N ASN D 205 21.53 0.52 -0.23
CA ASN D 205 21.20 0.64 -1.64
C ASN D 205 21.76 -0.52 -2.44
N TYR D 206 22.89 -1.10 -2.02
CA TYR D 206 23.41 -2.28 -2.72
C TYR D 206 22.50 -3.47 -2.41
N LYS D 207 22.00 -3.54 -1.18
CA LYS D 207 21.12 -4.64 -0.79
C LYS D 207 19.77 -4.54 -1.54
N ALA D 208 19.41 -3.32 -1.95
CA ALA D 208 18.13 -3.13 -2.63
C ALA D 208 18.28 -3.40 -4.13
N MET D 209 19.40 -2.97 -4.70
CA MET D 209 19.77 -3.37 -6.05
C MET D 209 19.78 -4.91 -6.17
N ALA D 210 20.21 -5.52 -5.08
CA ALA D 210 20.37 -6.97 -4.97
C ALA D 210 19.08 -7.78 -5.15
N ARG D 211 17.90 -7.15 -5.01
CA ARG D 211 16.66 -7.86 -5.35
C ARG D 211 16.75 -8.37 -6.79
N TRP D 212 17.49 -7.67 -7.64
CA TRP D 212 17.85 -8.16 -8.98
C TRP D 212 19.35 -8.48 -9.09
N PRO D 213 19.77 -9.68 -8.63
CA PRO D 213 21.18 -10.08 -8.63
C PRO D 213 21.92 -9.78 -9.94
N SER D 214 21.40 -10.26 -11.07
CA SER D 214 22.07 -10.07 -12.35
C SER D 214 22.23 -8.59 -12.71
N TYR D 215 21.37 -7.75 -12.16
CA TYR D 215 21.46 -6.32 -12.40
C TYR D 215 22.57 -5.70 -11.56
N LEU D 216 22.64 -6.09 -10.27
CA LEU D 216 23.69 -5.55 -9.41
C LEU D 216 25.06 -5.92 -9.93
N GLU D 217 25.23 -7.17 -10.33
CA GLU D 217 26.47 -7.64 -10.95
C GLU D 217 26.94 -6.66 -12.04
N GLN D 218 26.06 -6.39 -13.01
CA GLN D 218 26.38 -5.48 -14.11
C GLN D 218 26.70 -4.05 -13.69
N ALA D 219 25.88 -3.51 -12.80
CA ALA D 219 25.98 -2.12 -12.41
C ALA D 219 27.25 -1.92 -11.60
N TRP D 220 27.49 -2.85 -10.69
CA TRP D 220 28.68 -2.82 -9.87
C TRP D 220 29.95 -2.92 -10.73
N GLY D 221 29.95 -3.87 -11.66
CA GLY D 221 31.11 -4.08 -12.51
C GLY D 221 31.53 -2.84 -13.29
N ALA D 222 30.55 -2.03 -13.69
CA ALA D 222 30.83 -0.83 -14.46
C ALA D 222 31.32 0.32 -13.60
N LEU D 223 30.94 0.32 -12.32
CA LEU D 223 31.32 1.40 -11.41
C LEU D 223 32.70 1.18 -10.83
N LYS D 224 33.01 -0.09 -10.60
CA LYS D 224 34.23 -0.51 -9.93
C LYS D 224 35.51 0.16 -10.46
N PRO D 225 35.73 0.18 -11.80
CA PRO D 225 36.98 0.76 -12.27
C PRO D 225 37.07 2.26 -12.01
N CYS D 226 35.96 2.90 -11.70
CA CYS D 226 35.96 4.34 -11.47
C CYS D 226 36.32 4.69 -10.04
N ILE D 227 36.18 3.72 -9.15
CA ILE D 227 36.46 3.94 -7.73
C ILE D 227 37.94 4.27 -7.52
N ASP D 228 38.19 5.38 -6.85
CA ASP D 228 39.55 5.74 -6.50
C ASP D 228 40.38 5.95 -7.78
N THR D 229 39.74 6.50 -8.79
CA THR D 229 40.45 7.20 -9.86
C THR D 229 40.69 8.60 -9.30
N PRO D 230 41.49 9.44 -9.99
CA PRO D 230 41.75 10.75 -9.38
C PRO D 230 40.50 11.65 -9.36
N ALA D 231 39.76 11.65 -10.47
CA ALA D 231 38.55 12.44 -10.60
C ALA D 231 37.47 12.02 -9.58
N TYR D 232 37.37 10.72 -9.31
CA TYR D 232 36.45 10.21 -8.29
C TYR D 232 36.83 10.69 -6.88
N GLN D 233 38.10 10.53 -6.51
CA GLN D 233 38.56 11.02 -5.22
C GLN D 233 38.38 12.53 -5.07
N ALA D 234 38.71 13.28 -6.11
CA ALA D 234 38.50 14.73 -6.10
C ALA D 234 37.03 15.09 -5.91
N GLY D 235 36.15 14.49 -6.71
CA GLY D 235 34.72 14.71 -6.56
C GLY D 235 34.23 14.37 -5.15
N ARG D 236 34.75 13.29 -4.58
CA ARG D 236 34.34 12.86 -3.24
C ARG D 236 34.75 13.86 -2.18
N PHE D 237 35.91 14.49 -2.38
CA PHE D 237 36.40 15.53 -1.47
C PHE D 237 35.46 16.71 -1.45
N ASP D 238 35.01 17.09 -2.65
CA ASP D 238 34.09 18.20 -2.87
C ASP D 238 32.76 17.88 -2.16
N ILE D 239 32.32 16.63 -2.28
CA ILE D 239 31.06 16.17 -1.68
C ILE D 239 31.14 16.26 -0.16
N ASN D 240 32.24 15.75 0.40
CA ASN D 240 32.52 15.91 1.82
C ASN D 240 32.53 17.38 2.27
N ALA D 241 33.16 18.26 1.48
CA ALA D 241 33.29 19.67 1.85
C ALA D 241 31.92 20.34 1.96
N ARG D 242 31.00 19.95 1.09
CA ARG D 242 29.67 20.53 1.10
C ARG D 242 28.85 20.05 2.30
N ALA D 243 29.07 18.81 2.74
CA ALA D 243 28.46 18.32 3.98
C ALA D 243 28.93 19.15 5.18
N LEU D 244 30.23 19.48 5.19
CA LEU D 244 30.80 20.36 6.22
C LEU D 244 30.20 21.76 6.21
N ALA D 245 30.03 22.32 5.02
CA ALA D 245 29.46 23.67 4.89
C ALA D 245 28.01 23.72 5.37
N ALA D 246 27.26 22.64 5.17
CA ALA D 246 25.85 22.55 5.62
C ALA D 246 25.77 22.57 7.14
N LEU D 247 26.68 21.83 7.77
CA LEU D 247 26.74 21.73 9.22
C LEU D 247 26.80 23.12 9.83
N ASP D 248 27.58 24.02 9.22
CA ASP D 248 27.77 25.36 9.76
C ASP D 248 26.53 26.25 9.52
N ALA D 249 25.72 25.90 8.55
CA ALA D 249 24.60 26.74 8.19
C ALA D 249 23.26 26.23 8.73
N LEU D 250 23.29 25.20 9.57
CA LEU D 250 22.09 24.65 10.20
C LEU D 250 21.26 25.73 10.87
N PRO D 251 19.96 25.82 10.52
CA PRO D 251 19.04 26.83 11.05
C PRO D 251 18.81 26.70 12.56
N THR D 252 18.82 25.48 13.10
CA THR D 252 18.70 25.32 14.55
C THR D 252 20.00 24.77 15.06
N ALA D 253 20.62 25.54 15.95
CA ALA D 253 21.86 25.17 16.62
C ALA D 253 21.92 23.68 17.01
N TYR D 254 23.06 23.06 16.72
CA TYR D 254 23.31 21.69 17.12
C TYR D 254 24.61 21.55 17.91
N ARG D 255 24.48 21.07 19.14
CA ARG D 255 25.64 20.71 19.98
C ARG D 255 25.41 19.33 20.57
N MET D 256 26.38 18.45 20.35
CA MET D 256 26.38 17.13 20.96
C MET D 256 27.82 16.69 21.12
N SER D 257 28.37 17.01 22.28
CA SER D 257 29.80 16.89 22.52
C SER D 257 30.19 15.57 23.14
N ARG D 258 31.48 15.42 23.40
CA ARG D 258 31.97 14.28 24.16
C ARG D 258 31.32 14.25 25.53
N ASP D 259 31.05 15.42 26.09
CA ASP D 259 30.45 15.47 27.41
C ASP D 259 28.93 15.28 27.41
N ASP D 260 28.27 15.71 26.34
CA ASP D 260 26.85 15.40 26.17
C ASP D 260 26.62 13.89 26.09
N ALA D 261 27.55 13.18 25.43
CA ALA D 261 27.51 11.74 25.30
C ALA D 261 27.54 11.11 26.67
N LEU D 262 28.39 11.67 27.54
CA LEU D 262 28.50 11.16 28.91
C LEU D 262 27.22 11.46 29.67
N GLN D 263 26.73 12.69 29.56
CA GLN D 263 25.50 13.03 30.28
C GLN D 263 24.30 12.24 29.76
N ALA D 264 24.44 11.62 28.58
CA ALA D 264 23.33 10.86 28.01
C ALA D 264 23.31 9.41 28.50
N GLY D 265 24.43 8.92 29.05
CA GLY D 265 24.48 7.59 29.60
C GLY D 265 25.66 6.79 29.11
N LEU D 266 26.38 7.32 28.14
CA LEU D 266 27.51 6.62 27.55
C LEU D 266 28.79 6.66 28.40
N SER D 267 29.61 5.63 28.24
CA SER D 267 30.92 5.55 28.91
C SER D 267 32.01 6.19 28.05
N GLU D 268 33.13 6.53 28.67
CA GLU D 268 34.31 7.04 27.94
C GLU D 268 34.71 6.08 26.83
N ALA D 269 34.76 4.80 27.16
CA ALA D 269 35.14 3.74 26.22
C ALA D 269 34.12 3.56 25.11
N GLN D 270 32.84 3.76 25.43
CA GLN D 270 31.78 3.75 24.45
C GLN D 270 31.90 4.97 23.52
N THR D 271 32.13 6.13 24.09
CA THR D 271 32.20 7.37 23.30
C THR D 271 33.37 7.32 22.32
N ASP D 272 34.55 6.89 22.77
CA ASP D 272 35.66 6.61 21.85
C ASP D 272 35.21 5.72 20.70
N GLU D 273 34.53 4.62 21.05
CA GLU D 273 34.13 3.63 20.08
C GLU D 273 33.18 4.27 19.06
N LEU D 274 32.22 5.03 19.58
CA LEU D 274 31.24 5.73 18.76
C LEU D 274 31.94 6.64 17.78
N ILE D 275 33.02 7.30 18.21
CA ILE D 275 33.74 8.25 17.37
C ILE D 275 34.40 7.57 16.19
N GLN D 276 34.99 6.41 16.43
CA GLN D 276 35.56 5.63 15.34
C GLN D 276 34.46 5.17 14.36
N VAL D 277 33.33 4.73 14.89
CA VAL D 277 32.24 4.22 14.06
C VAL D 277 31.62 5.34 13.22
N ILE D 278 31.27 6.46 13.86
CA ILE D 278 30.67 7.56 13.12
C ILE D 278 31.64 8.14 12.06
N SER D 279 32.95 8.05 12.31
CA SER D 279 33.91 8.57 11.33
C SER D 279 34.07 7.63 10.14
N LEU D 280 33.99 6.33 10.37
CA LEU D 280 34.02 5.39 9.24
C LEU D 280 32.80 5.60 8.32
N PHE D 281 31.65 5.87 8.93
CA PHE D 281 30.42 6.02 8.19
C PHE D 281 30.32 7.38 7.48
N GLN D 282 30.87 8.41 8.11
CA GLN D 282 30.86 9.78 7.58
C GLN D 282 31.72 9.81 6.31
N TRP D 283 32.93 9.24 6.41
CA TRP D 283 33.81 9.08 5.27
C TRP D 283 33.12 8.29 4.15
N MET D 284 32.57 7.12 4.49
CA MET D 284 31.88 6.24 3.55
C MET D 284 30.80 6.94 2.73
N LEU D 285 30.00 7.77 3.38
CA LEU D 285 28.80 8.35 2.75
C LEU D 285 29.06 9.27 1.54
N SER D 286 30.20 9.95 1.50
CA SER D 286 30.47 10.77 0.33
C SER D 286 30.71 9.86 -0.87
N GLY D 287 31.36 8.73 -0.60
CA GLY D 287 31.62 7.73 -1.61
C GLY D 287 30.33 7.15 -2.13
N LEU D 288 29.44 6.76 -1.23
CA LEU D 288 28.14 6.21 -1.56
C LEU D 288 27.32 7.12 -2.47
N VAL D 289 27.24 8.41 -2.11
CA VAL D 289 26.53 9.41 -2.91
C VAL D 289 27.01 9.40 -4.37
N LEU D 290 28.32 9.32 -4.58
CA LEU D 290 28.87 9.24 -5.93
C LEU D 290 28.49 7.94 -6.62
N ASN D 291 28.47 6.87 -5.84
CA ASN D 291 28.22 5.56 -6.40
C ASN D 291 26.80 5.42 -6.95
N VAL D 292 25.84 5.88 -6.16
CA VAL D 292 24.44 5.86 -6.57
C VAL D 292 24.24 6.70 -7.79
N THR D 293 24.93 7.84 -7.84
CA THR D 293 24.86 8.75 -8.97
C THR D 293 25.30 8.06 -10.25
N HIS D 294 26.43 7.36 -10.15
CA HIS D 294 26.94 6.60 -11.27
C HIS D 294 25.91 5.55 -11.75
N PHE D 295 25.36 4.77 -10.81
CA PHE D 295 24.30 3.81 -11.14
C PHE D 295 23.15 4.48 -11.86
N LYS D 296 22.76 5.67 -11.39
CA LYS D 296 21.57 6.33 -11.89
C LYS D 296 21.79 6.90 -13.30
N GLN D 297 22.99 7.40 -13.57
CA GLN D 297 23.35 7.82 -14.91
C GLN D 297 23.47 6.61 -15.84
N GLN D 298 23.97 5.50 -15.33
CA GLN D 298 24.04 4.25 -16.09
C GLN D 298 22.66 3.87 -16.65
N ALA D 299 21.63 4.10 -15.84
CA ALA D 299 20.29 3.60 -16.13
C ALA D 299 19.38 4.62 -16.82
N LEU D 300 19.92 5.76 -17.22
CA LEU D 300 19.17 6.82 -17.89
C LEU D 300 18.36 6.34 -19.10
#